data_1MDA
#
_entry.id   1MDA
#
_cell.length_a   124.700
_cell.length_b   124.700
_cell.length_c   247.400
_cell.angle_alpha   90.00
_cell.angle_beta   90.00
_cell.angle_gamma   90.00
#
_symmetry.space_group_name_H-M   'P 41 21 2'
#
loop_
_entity.id
_entity.type
_entity.pdbx_description
1 polymer 'METHYLAMINE DEHYDROGENASE (HEAVY SUBUNIT)'
2 polymer 'METHYLAMINE DEHYDROGENASE (LIGHT SUBUNIT)'
3 polymer AMICYANIN
4 non-polymer 'COPPER (II) ION'
#
loop_
_entity_poly.entity_id
_entity_poly.type
_entity_poly.pdbx_seq_one_letter_code
_entity_poly.pdbx_strand_id
1 'polypeptide(L)'
;EKSKVAGSAAAASAAAASDGSSCDHGPGAISRRSHITLPAYFAGTTENWVSCAGCGVTLGHSLGAFLSLAVAGHSGSDFA
LASTSFARSAKGKRTDYVEVFDPVTFLPIADIELPDAPRFSVGPRVHIIGNCASSACLLFFLFGSSAAAGLSVPGASDDQ
LTKSASCFHIHPGAAATHYLGSCPASLAASDLAAAPAAAGIVGAQCTGAQNCSSQAAQANYPGMLVWAVASSILQGDIPA
AGATMKAAIDGNESGRKADNFRSAGFQMVAKLKNTDGIMILTVEHSRSCLAAAENTSSVTASVGQTSGPISNGHDSDAII
AAQDGASDNYANSAGTEVLDIYDAASDQDQSSVELDKGPESLSVQNEA
;
H,J
2 'polypeptide(L)'
;VDPRAKWQPQDNDIQACDYWRHCSIAGNICDCSAGSLTSCPPGTLVASGS(TRQ)VGSCYNPPDPNKYITAYRDCCGYNV
SGRCACLNTEGELPVYNKDANDIIWCFGGEDGMTYHCSISPVSGA
;
L,M
3 'polypeptide(L)'
;ATIPSESPFAAAEVADGAIVVDIAKMKYETPELHVKVGDTVTWINREAMPHNVHFVAGVLGEAALKGPMMKKEQAYSLTF
TEAGTYDYHCTPHPFMRGKVVVE
;
A,B
#
loop_
_chem_comp.id
_chem_comp.type
_chem_comp.name
_chem_comp.formula
CU non-polymer 'COPPER (II) ION' 'Cu 2'
#
# COMPACT_ATOMS: atom_id res chain seq x y z
N GLU A 1 -28.71 1.22 6.56
CA GLU A 1 -28.34 0.38 5.42
C GLU A 1 -28.88 -1.05 5.40
N LYS A 2 -29.65 -1.39 4.35
CA LYS A 2 -30.34 -2.68 4.16
C LYS A 2 -29.55 -3.98 3.98
N SER A 3 -28.77 -4.27 4.99
CA SER A 3 -27.94 -5.44 5.21
C SER A 3 -27.83 -5.49 6.71
N LYS A 4 -29.04 -5.14 7.08
CA LYS A 4 -29.74 -5.02 8.31
C LYS A 4 -30.58 -6.26 8.31
N VAL A 5 -30.28 -6.97 7.22
CA VAL A 5 -30.67 -8.33 6.90
C VAL A 5 -29.54 -9.29 7.29
N ALA A 6 -29.34 -9.16 8.57
CA ALA A 6 -28.46 -9.82 9.47
C ALA A 6 -29.40 -9.79 10.62
N GLY A 7 -30.52 -10.34 10.14
CA GLY A 7 -31.79 -10.60 10.76
C GLY A 7 -32.04 -12.02 10.31
N SER A 8 -31.27 -12.36 9.32
CA SER A 8 -31.21 -13.71 8.84
C SER A 8 -30.33 -14.47 9.84
N ALA A 9 -29.39 -13.72 10.44
CA ALA A 9 -28.46 -14.22 11.44
C ALA A 9 -29.22 -14.51 12.74
N ALA A 10 -29.92 -13.49 13.24
CA ALA A 10 -30.72 -13.62 14.44
C ALA A 10 -31.64 -14.78 14.23
N ALA A 11 -32.10 -14.85 12.99
CA ALA A 11 -32.98 -15.91 12.62
C ALA A 11 -32.31 -17.23 12.82
N ALA A 12 -31.15 -17.41 12.21
CA ALA A 12 -30.52 -18.71 12.34
C ALA A 12 -30.20 -19.04 13.78
N SER A 13 -29.74 -18.02 14.50
CA SER A 13 -29.39 -18.16 15.90
C SER A 13 -30.54 -18.76 16.69
N ALA A 14 -31.77 -18.25 16.47
CA ALA A 14 -32.90 -18.80 17.20
C ALA A 14 -33.20 -20.26 16.84
N ALA A 15 -33.13 -20.61 15.57
CA ALA A 15 -33.38 -22.01 15.21
C ALA A 15 -32.27 -22.93 15.67
N ALA A 16 -31.39 -22.41 16.52
CA ALA A 16 -30.32 -23.23 17.05
C ALA A 16 -29.36 -23.70 15.98
N ALA A 17 -29.20 -22.85 14.98
CA ALA A 17 -28.34 -23.20 13.89
C ALA A 17 -26.89 -22.72 13.92
N SER A 18 -26.05 -23.72 13.81
CA SER A 18 -24.64 -23.79 13.45
C SER A 18 -23.49 -22.83 13.79
N ASP A 19 -23.21 -21.98 12.77
CA ASP A 19 -22.04 -21.12 12.58
C ASP A 19 -20.82 -21.99 12.34
N GLY A 20 -20.79 -22.54 11.09
CA GLY A 20 -19.73 -23.36 10.52
C GLY A 20 -19.03 -22.58 9.41
N SER A 21 -18.01 -21.83 9.81
CA SER A 21 -17.25 -20.92 8.96
C SER A 21 -16.60 -21.56 7.70
N SER A 22 -16.62 -20.85 6.57
CA SER A 22 -15.97 -21.32 5.35
C SER A 22 -15.65 -20.21 4.36
N CYS A 23 -14.72 -20.51 3.46
CA CYS A 23 -14.39 -19.60 2.38
C CYS A 23 -15.50 -19.76 1.37
N ASP A 24 -16.26 -18.71 1.13
CA ASP A 24 -17.30 -18.79 0.13
C ASP A 24 -16.86 -18.43 -1.28
N HIS A 25 -17.78 -18.46 -2.26
CA HIS A 25 -17.51 -18.12 -3.67
C HIS A 25 -18.50 -17.19 -4.34
N GLY A 26 -17.96 -16.44 -5.31
CA GLY A 26 -18.70 -15.45 -6.08
C GLY A 26 -19.88 -16.09 -6.82
N PRO A 27 -20.87 -15.27 -7.14
CA PRO A 27 -22.06 -15.69 -7.84
C PRO A 27 -21.86 -16.17 -9.26
N GLY A 28 -20.81 -15.73 -9.92
CA GLY A 28 -20.69 -16.18 -11.30
C GLY A 28 -20.90 -15.04 -12.26
N ALA A 29 -19.98 -15.02 -13.22
CA ALA A 29 -19.95 -13.98 -14.19
C ALA A 29 -21.30 -13.71 -14.85
N ILE A 30 -21.66 -12.42 -14.89
CA ILE A 30 -22.86 -11.94 -15.51
C ILE A 30 -22.65 -10.52 -15.93
N SER A 31 -23.61 -10.01 -16.68
CA SER A 31 -23.62 -8.68 -17.26
C SER A 31 -23.68 -7.51 -16.29
N ARG A 32 -24.32 -7.70 -15.13
CA ARG A 32 -24.42 -6.64 -14.12
C ARG A 32 -23.19 -6.55 -13.22
N ARG A 33 -22.24 -7.44 -13.47
CA ARG A 33 -21.02 -7.44 -12.70
C ARG A 33 -20.09 -6.28 -13.11
N SER A 34 -19.49 -5.58 -12.14
CA SER A 34 -18.58 -4.50 -12.49
C SER A 34 -17.30 -4.57 -11.66
N HIS A 35 -16.21 -4.28 -12.35
CA HIS A 35 -14.88 -4.27 -11.75
C HIS A 35 -14.46 -2.83 -11.53
N ILE A 36 -13.84 -2.51 -10.41
CA ILE A 36 -13.40 -1.15 -10.15
C ILE A 36 -11.95 -1.21 -9.72
N THR A 37 -11.08 -0.64 -10.52
CA THR A 37 -9.67 -0.68 -10.24
C THR A 37 -9.24 0.58 -9.48
N LEU A 38 -8.44 0.39 -8.42
CA LEU A 38 -7.91 1.53 -7.66
C LEU A 38 -6.43 1.78 -7.95
N PRO A 39 -6.14 2.73 -8.83
CA PRO A 39 -4.74 3.02 -9.13
C PRO A 39 -4.03 3.60 -7.90
N ALA A 40 -4.84 4.15 -7.00
CA ALA A 40 -4.43 4.70 -5.72
C ALA A 40 -3.47 5.87 -5.64
N TYR A 41 -3.45 6.72 -6.64
CA TYR A 41 -2.57 7.88 -6.58
C TYR A 41 -1.11 7.52 -6.77
N PHE A 42 -0.94 6.42 -7.50
CA PHE A 42 0.34 5.88 -7.85
C PHE A 42 1.03 5.13 -6.74
N ALA A 43 0.25 4.54 -5.83
CA ALA A 43 0.85 3.77 -4.77
C ALA A 43 1.38 2.44 -5.30
N GLY A 44 2.45 1.99 -4.67
CA GLY A 44 3.11 0.74 -5.01
C GLY A 44 2.16 -0.47 -4.99
N THR A 45 1.08 -0.37 -4.26
CA THR A 45 0.13 -1.46 -4.15
C THR A 45 -1.25 -0.92 -4.44
N THR A 46 -2.07 -1.77 -5.05
CA THR A 46 -3.40 -1.39 -5.47
C THR A 46 -4.40 -2.51 -5.31
N GLU A 47 -5.69 -2.15 -5.48
CA GLU A 47 -6.83 -3.04 -5.27
C GLU A 47 -7.90 -2.95 -6.35
N ASN A 48 -8.53 -4.12 -6.65
CA ASN A 48 -9.64 -4.25 -7.62
C ASN A 48 -10.91 -4.66 -6.89
N TRP A 49 -11.99 -3.93 -7.08
CA TRP A 49 -13.26 -4.26 -6.51
C TRP A 49 -14.20 -4.94 -7.48
N VAL A 50 -14.69 -6.12 -7.10
CA VAL A 50 -15.65 -6.80 -7.94
C VAL A 50 -17.02 -6.54 -7.33
N SER A 51 -17.94 -5.93 -8.11
CA SER A 51 -19.25 -5.56 -7.62
C SER A 51 -20.37 -6.03 -8.53
N CYS A 52 -21.48 -6.20 -7.88
CA CYS A 52 -22.73 -6.56 -8.49
C CYS A 52 -23.70 -5.42 -8.55
N ALA A 53 -24.11 -5.02 -9.75
CA ALA A 53 -25.12 -3.99 -9.93
C ALA A 53 -26.51 -4.57 -9.69
N GLY A 54 -27.35 -3.73 -9.22
CA GLY A 54 -28.63 -4.25 -8.89
C GLY A 54 -28.46 -4.46 -7.42
N CYS A 55 -27.72 -5.50 -7.08
CA CYS A 55 -27.44 -5.72 -5.69
C CYS A 55 -26.66 -4.54 -5.13
N GLY A 56 -25.67 -4.06 -5.86
CA GLY A 56 -24.85 -2.99 -5.31
C GLY A 56 -23.88 -3.54 -4.26
N VAL A 57 -23.71 -4.87 -4.31
CA VAL A 57 -22.86 -5.62 -3.41
C VAL A 57 -21.45 -5.93 -3.92
N THR A 58 -20.47 -5.77 -3.03
CA THR A 58 -19.09 -6.17 -3.34
C THR A 58 -19.03 -7.67 -3.19
N LEU A 59 -18.78 -8.32 -4.31
CA LEU A 59 -18.75 -9.77 -4.45
C LEU A 59 -17.42 -10.41 -4.14
N GLY A 60 -16.37 -9.61 -4.23
CA GLY A 60 -15.00 -10.03 -4.00
C GLY A 60 -14.05 -8.84 -4.18
N HIS A 61 -12.77 -9.12 -4.28
CA HIS A 61 -11.66 -8.17 -4.45
C HIS A 61 -10.48 -8.93 -5.06
N SER A 62 -9.51 -8.20 -5.56
CA SER A 62 -8.27 -8.77 -6.07
C SER A 62 -7.13 -7.83 -5.72
N LEU A 63 -5.96 -8.39 -5.52
CA LEU A 63 -4.78 -7.63 -5.18
C LEU A 63 -3.85 -7.44 -6.35
N GLY A 64 -3.29 -6.24 -6.46
CA GLY A 64 -2.41 -5.88 -7.55
C GLY A 64 -1.36 -4.93 -7.06
N ALA A 65 -0.42 -4.65 -7.95
CA ALA A 65 0.65 -3.75 -7.61
C ALA A 65 0.66 -2.39 -8.28
N PHE A 66 1.85 -2.04 -8.77
CA PHE A 66 2.08 -0.72 -9.34
C PHE A 66 1.51 -0.54 -10.72
N LEU A 67 0.53 0.32 -10.75
CA LEU A 67 -0.09 0.75 -11.96
C LEU A 67 -0.45 -0.38 -12.85
N SER A 68 -1.26 -1.31 -12.33
CA SER A 68 -1.65 -2.45 -13.13
C SER A 68 -2.80 -2.14 -14.07
N LEU A 69 -2.88 -2.94 -15.13
CA LEU A 69 -3.91 -2.84 -16.14
C LEU A 69 -4.77 -4.07 -16.12
N ALA A 70 -6.03 -3.86 -15.75
CA ALA A 70 -7.03 -4.89 -15.64
C ALA A 70 -7.62 -5.25 -17.01
N VAL A 71 -8.00 -6.50 -17.22
CA VAL A 71 -8.69 -6.93 -18.44
C VAL A 71 -9.76 -7.93 -18.09
N ALA A 72 -10.89 -7.91 -18.77
CA ALA A 72 -11.95 -8.87 -18.45
C ALA A 72 -12.43 -9.55 -19.72
N GLY A 73 -12.41 -10.89 -19.70
CA GLY A 73 -12.85 -11.72 -20.82
C GLY A 73 -14.36 -11.56 -21.02
N HIS A 74 -14.75 -11.21 -22.25
CA HIS A 74 -16.17 -10.99 -22.59
C HIS A 74 -17.11 -12.12 -22.26
N SER A 75 -16.68 -13.33 -22.55
CA SER A 75 -17.52 -14.48 -22.32
C SER A 75 -17.66 -14.83 -20.86
N GLY A 76 -17.04 -14.02 -20.01
CA GLY A 76 -17.12 -14.23 -18.56
C GLY A 76 -16.21 -15.34 -18.02
N SER A 77 -15.29 -15.86 -18.84
CA SER A 77 -14.38 -16.96 -18.48
C SER A 77 -13.13 -16.71 -17.59
N ASP A 78 -12.58 -15.50 -17.63
CA ASP A 78 -11.40 -15.14 -16.86
C ASP A 78 -11.39 -13.65 -16.60
N PHE A 79 -10.48 -13.28 -15.74
CA PHE A 79 -10.20 -11.89 -15.53
C PHE A 79 -8.71 -11.78 -15.33
N ALA A 80 -8.12 -10.66 -15.58
CA ALA A 80 -6.68 -10.69 -15.48
C ALA A 80 -6.10 -9.33 -15.27
N LEU A 81 -4.81 -9.34 -15.01
CA LEU A 81 -4.07 -8.18 -14.55
C LEU A 81 -2.66 -8.28 -15.11
N ALA A 82 -2.10 -7.15 -15.56
CA ALA A 82 -0.67 -7.08 -15.87
C ALA A 82 -0.08 -6.31 -14.68
N SER A 83 0.97 -6.83 -14.06
CA SER A 83 1.39 -6.15 -12.86
C SER A 83 2.88 -6.00 -12.65
N THR A 84 3.20 -5.26 -11.61
CA THR A 84 4.57 -4.96 -11.28
C THR A 84 4.79 -4.92 -9.79
N SER A 85 5.82 -5.68 -9.40
CA SER A 85 6.26 -5.84 -8.02
C SER A 85 7.75 -5.54 -7.86
N PHE A 86 8.19 -5.20 -6.64
CA PHE A 86 9.61 -4.95 -6.40
C PHE A 86 9.99 -5.66 -5.11
N ALA A 87 11.22 -6.12 -5.03
CA ALA A 87 11.63 -6.75 -3.80
C ALA A 87 11.87 -5.59 -2.85
N ARG A 88 11.22 -5.50 -1.70
CA ARG A 88 11.36 -4.35 -0.80
C ARG A 88 10.47 -3.23 -1.40
N SER A 89 9.28 -3.64 -1.82
CA SER A 89 8.29 -2.90 -2.60
C SER A 89 8.28 -1.41 -2.59
N ALA A 90 8.80 -0.97 -3.73
CA ALA A 90 9.04 0.38 -4.17
C ALA A 90 10.47 0.39 -4.66
N LYS A 91 11.24 -0.58 -4.18
CA LYS A 91 12.63 -0.68 -4.57
C LYS A 91 13.04 -2.11 -4.65
N GLY A 92 14.28 -2.33 -5.13
CA GLY A 92 14.84 -3.66 -5.32
C GLY A 92 14.60 -4.20 -6.73
N LYS A 93 14.68 -5.52 -6.89
CA LYS A 93 14.45 -6.22 -8.15
C LYS A 93 12.98 -6.16 -8.55
N ARG A 94 12.75 -5.63 -9.77
CA ARG A 94 11.44 -5.47 -10.36
C ARG A 94 10.99 -6.74 -11.04
N THR A 95 9.70 -7.02 -10.96
CA THR A 95 9.15 -8.16 -11.66
C THR A 95 7.84 -7.80 -12.28
N ASP A 96 7.79 -7.93 -13.61
CA ASP A 96 6.58 -7.74 -14.40
C ASP A 96 5.96 -9.10 -14.65
N TYR A 97 4.66 -9.25 -14.37
CA TYR A 97 4.00 -10.55 -14.51
C TYR A 97 2.52 -10.37 -14.85
N VAL A 98 1.97 -11.39 -15.50
CA VAL A 98 0.56 -11.46 -15.84
C VAL A 98 -0.07 -12.50 -14.94
N GLU A 99 -1.09 -12.16 -14.16
CA GLU A 99 -1.78 -13.12 -13.30
C GLU A 99 -3.19 -13.28 -13.87
N VAL A 100 -3.78 -14.49 -13.78
CA VAL A 100 -5.11 -14.81 -14.34
C VAL A 100 -6.02 -15.45 -13.29
N PHE A 101 -7.14 -14.81 -12.97
CA PHE A 101 -8.05 -15.30 -11.95
C PHE A 101 -9.32 -15.96 -12.47
N ASP A 102 -9.78 -16.91 -11.66
CA ASP A 102 -11.03 -17.59 -11.86
C ASP A 102 -12.12 -16.64 -11.34
N PRO A 103 -13.11 -16.39 -12.17
CA PRO A 103 -14.16 -15.46 -11.86
C PRO A 103 -15.04 -15.81 -10.66
N VAL A 104 -14.89 -17.02 -10.15
CA VAL A 104 -15.76 -17.43 -9.07
C VAL A 104 -15.01 -17.64 -7.78
N THR A 105 -13.86 -18.27 -7.93
CA THR A 105 -13.04 -18.60 -6.78
C THR A 105 -12.07 -17.47 -6.44
N PHE A 106 -11.77 -16.65 -7.46
CA PHE A 106 -10.85 -15.53 -7.32
C PHE A 106 -9.38 -15.93 -7.19
N LEU A 107 -9.14 -17.23 -7.18
CA LEU A 107 -7.78 -17.75 -7.11
C LEU A 107 -7.08 -17.63 -8.47
N PRO A 108 -5.76 -17.42 -8.42
CA PRO A 108 -4.92 -17.29 -9.60
C PRO A 108 -4.66 -18.63 -10.26
N ILE A 109 -5.07 -18.76 -11.53
CA ILE A 109 -4.94 -19.99 -12.31
C ILE A 109 -3.63 -20.03 -13.10
N ALA A 110 -3.02 -18.86 -13.23
CA ALA A 110 -1.76 -18.70 -13.93
C ALA A 110 -1.05 -17.45 -13.45
N ASP A 111 0.27 -17.46 -13.52
CA ASP A 111 1.10 -16.32 -13.13
C ASP A 111 2.34 -16.30 -14.00
N ILE A 112 2.25 -15.51 -15.07
CA ILE A 112 3.26 -15.38 -16.10
C ILE A 112 4.08 -14.11 -16.00
N GLU A 113 5.40 -14.30 -15.91
CA GLU A 113 6.37 -13.23 -15.78
C GLU A 113 6.81 -12.62 -17.10
N LEU A 114 6.96 -11.30 -17.10
CA LEU A 114 7.48 -10.63 -18.27
C LEU A 114 8.99 -10.44 -18.12
N PRO A 115 9.72 -10.88 -19.11
CA PRO A 115 11.16 -10.86 -19.14
C PRO A 115 11.96 -9.61 -18.74
N ASP A 116 11.91 -8.56 -19.51
CA ASP A 116 12.81 -7.47 -19.16
C ASP A 116 12.18 -6.26 -18.51
N ALA A 117 11.16 -6.46 -17.64
CA ALA A 117 10.47 -5.35 -16.99
C ALA A 117 10.03 -4.41 -18.09
N PRO A 118 9.13 -4.92 -18.90
CA PRO A 118 8.70 -4.23 -20.09
C PRO A 118 7.39 -3.45 -20.10
N ARG A 119 6.54 -3.62 -19.08
CA ARG A 119 5.19 -3.07 -18.97
C ARG A 119 4.74 -1.69 -19.44
N PHE A 120 5.47 -0.61 -19.12
CA PHE A 120 4.98 0.76 -19.43
C PHE A 120 4.12 1.25 -18.25
N SER A 121 4.80 2.02 -17.43
CA SER A 121 4.24 2.58 -16.24
C SER A 121 3.52 3.90 -16.51
N VAL A 122 2.15 3.88 -16.43
CA VAL A 122 1.31 5.08 -16.67
C VAL A 122 0.00 5.02 -15.89
N GLY A 123 -0.70 6.17 -15.84
CA GLY A 123 -2.01 6.21 -15.27
C GLY A 123 -2.74 5.27 -16.21
N PRO A 124 -3.70 4.46 -15.76
CA PRO A 124 -4.27 3.49 -16.66
C PRO A 124 -5.41 3.97 -17.52
N ARG A 125 -5.46 3.43 -18.76
CA ARG A 125 -6.53 3.68 -19.71
C ARG A 125 -6.99 2.35 -20.23
N VAL A 126 -8.29 2.16 -20.26
CA VAL A 126 -8.76 0.99 -20.92
C VAL A 126 -8.22 1.09 -22.35
N HIS A 127 -7.56 0.00 -22.78
CA HIS A 127 -7.02 -0.11 -24.13
C HIS A 127 -5.52 -0.05 -24.40
N ILE A 128 -4.68 0.25 -23.42
CA ILE A 128 -3.24 0.22 -23.69
C ILE A 128 -2.72 -1.19 -23.45
N ILE A 129 -3.61 -2.00 -22.93
CA ILE A 129 -3.36 -3.42 -22.73
C ILE A 129 -4.64 -4.17 -23.11
N GLY A 130 -4.53 -5.18 -23.99
CA GLY A 130 -5.70 -5.84 -24.49
C GLY A 130 -5.62 -7.34 -24.74
N ASN A 131 -6.80 -7.97 -24.52
CA ASN A 131 -7.07 -9.37 -24.76
C ASN A 131 -7.50 -9.44 -26.18
N CYS A 132 -7.13 -10.50 -26.86
CA CYS A 132 -7.65 -10.56 -28.19
C CYS A 132 -8.96 -11.32 -28.23
N ALA A 133 -9.65 -11.26 -29.36
CA ALA A 133 -10.97 -11.87 -29.51
C ALA A 133 -11.23 -13.31 -28.98
N SER A 134 -10.27 -14.22 -29.16
CA SER A 134 -10.41 -15.59 -28.71
C SER A 134 -10.05 -15.80 -27.24
N SER A 135 -9.43 -14.77 -26.67
CA SER A 135 -9.03 -14.78 -25.29
C SER A 135 -7.79 -15.62 -24.99
N ALA A 136 -7.09 -16.03 -26.04
CA ALA A 136 -5.90 -16.85 -25.85
C ALA A 136 -4.58 -16.07 -25.78
N CYS A 137 -4.67 -14.76 -25.89
CA CYS A 137 -3.52 -13.90 -25.85
C CYS A 137 -3.88 -12.59 -25.22
N LEU A 138 -2.83 -12.04 -24.63
CA LEU A 138 -2.84 -10.77 -23.95
C LEU A 138 -1.75 -9.98 -24.59
N LEU A 139 -2.16 -8.81 -25.08
CA LEU A 139 -1.29 -7.88 -25.76
C LEU A 139 -0.89 -6.72 -24.83
N PHE A 140 0.41 -6.42 -24.68
CA PHE A 140 0.76 -5.31 -23.81
C PHE A 140 1.78 -4.37 -24.45
N PHE A 141 1.61 -3.05 -24.19
CA PHE A 141 2.48 -1.96 -24.70
C PHE A 141 3.75 -1.62 -23.92
N LEU A 142 4.84 -1.62 -24.69
CA LEU A 142 6.21 -1.25 -24.30
C LEU A 142 6.52 0.14 -24.90
N PHE A 143 6.96 1.06 -24.08
CA PHE A 143 7.28 2.41 -24.53
C PHE A 143 8.77 2.66 -24.49
N GLY A 144 9.28 2.44 -23.27
CA GLY A 144 10.67 2.63 -22.90
C GLY A 144 11.56 1.60 -23.55
N SER A 145 12.68 2.12 -24.03
CA SER A 145 13.71 1.41 -24.76
C SER A 145 13.29 1.49 -26.23
N SER A 146 12.18 0.81 -26.55
CA SER A 146 11.63 0.70 -27.90
C SER A 146 10.12 0.62 -27.84
N ALA A 147 9.44 1.21 -28.82
CA ALA A 147 7.99 1.11 -28.82
C ALA A 147 7.63 -0.31 -29.19
N ALA A 148 6.90 -1.04 -28.35
CA ALA A 148 6.64 -2.41 -28.74
C ALA A 148 5.39 -3.01 -28.11
N ALA A 149 4.86 -4.03 -28.78
CA ALA A 149 3.72 -4.78 -28.30
C ALA A 149 4.17 -6.18 -27.93
N GLY A 150 4.07 -6.53 -26.65
CA GLY A 150 4.44 -7.84 -26.17
C GLY A 150 3.29 -8.81 -26.34
N LEU A 151 3.63 -10.08 -26.53
CA LEU A 151 2.59 -11.03 -26.76
C LEU A 151 2.75 -12.21 -25.82
N SER A 152 1.77 -12.35 -24.93
CA SER A 152 1.75 -13.43 -23.96
C SER A 152 0.65 -14.43 -24.31
N VAL A 153 0.97 -15.72 -24.29
CA VAL A 153 -0.04 -16.72 -24.55
C VAL A 153 -0.54 -17.36 -23.27
N PRO A 154 -1.88 -17.31 -23.02
CA PRO A 154 -2.44 -18.03 -21.91
C PRO A 154 -2.78 -19.42 -22.38
N GLY A 155 -1.81 -20.19 -22.03
CA GLY A 155 -1.50 -21.56 -22.30
C GLY A 155 -0.17 -21.46 -21.57
N ALA A 156 -0.18 -20.36 -20.81
CA ALA A 156 0.79 -19.93 -19.85
C ALA A 156 2.20 -19.46 -20.21
N SER A 157 2.42 -18.57 -21.19
CA SER A 157 3.80 -18.14 -21.40
C SER A 157 3.98 -16.87 -22.21
N ASP A 158 5.10 -16.15 -21.96
CA ASP A 158 5.36 -14.95 -22.76
C ASP A 158 5.70 -15.43 -24.12
N ASP A 159 5.26 -14.72 -25.13
CA ASP A 159 5.51 -15.19 -26.46
C ASP A 159 6.60 -14.45 -27.21
N GLN A 160 6.33 -13.22 -27.64
CA GLN A 160 7.18 -12.43 -28.52
C GLN A 160 6.88 -10.93 -28.37
N LEU A 161 7.96 -10.12 -28.41
CA LEU A 161 7.82 -8.67 -28.38
C LEU A 161 7.72 -8.15 -29.82
N THR A 162 6.50 -7.89 -30.25
CA THR A 162 6.24 -7.40 -31.60
C THR A 162 6.60 -5.91 -31.75
N LYS A 163 7.57 -5.62 -32.62
CA LYS A 163 7.97 -4.26 -32.95
C LYS A 163 6.98 -3.46 -33.76
N SER A 164 6.86 -2.19 -33.39
CA SER A 164 5.89 -1.30 -33.95
C SER A 164 6.43 0.11 -34.15
N ALA A 165 5.66 0.93 -34.87
CA ALA A 165 5.95 2.35 -35.02
C ALA A 165 5.55 3.17 -33.77
N SER A 166 5.83 4.49 -33.81
CA SER A 166 5.46 5.37 -32.73
C SER A 166 3.96 5.39 -32.67
N CYS A 167 3.41 4.45 -31.90
CA CYS A 167 1.99 4.12 -31.80
C CYS A 167 1.53 3.80 -30.39
N PHE A 168 0.27 4.13 -30.12
CA PHE A 168 -0.22 3.97 -28.77
C PHE A 168 -1.12 2.84 -28.27
N HIS A 169 -2.42 3.02 -28.32
CA HIS A 169 -3.32 2.01 -27.80
C HIS A 169 -3.25 0.68 -28.55
N ILE A 170 -4.05 -0.30 -28.12
CA ILE A 170 -4.17 -1.62 -28.76
C ILE A 170 -5.63 -1.99 -28.78
N HIS A 171 -6.18 -2.05 -30.01
CA HIS A 171 -7.56 -2.38 -30.22
C HIS A 171 -7.54 -3.52 -31.21
N PRO A 172 -7.69 -4.74 -30.67
CA PRO A 172 -7.65 -5.96 -31.46
C PRO A 172 -8.90 -6.27 -32.28
N GLY A 173 -8.61 -6.54 -33.54
CA GLY A 173 -9.62 -6.79 -34.54
C GLY A 173 -9.83 -8.27 -34.71
N ALA A 174 -8.83 -9.01 -34.32
CA ALA A 174 -8.84 -10.43 -34.60
C ALA A 174 -7.89 -11.23 -33.76
N ALA A 175 -7.84 -12.55 -33.99
CA ALA A 175 -6.91 -13.41 -33.24
C ALA A 175 -5.46 -12.97 -33.41
N ALA A 176 -5.11 -12.66 -34.65
CA ALA A 176 -3.80 -12.24 -35.09
C ALA A 176 -3.69 -10.79 -35.55
N THR A 177 -4.68 -9.94 -35.26
CA THR A 177 -4.60 -8.61 -35.81
C THR A 177 -5.14 -7.57 -34.87
N HIS A 178 -4.38 -6.48 -34.76
CA HIS A 178 -4.77 -5.41 -33.89
C HIS A 178 -4.41 -4.07 -34.48
N TYR A 179 -5.18 -3.10 -34.01
CA TYR A 179 -4.99 -1.74 -34.38
C TYR A 179 -4.32 -1.00 -33.28
N LEU A 180 -3.02 -1.00 -33.42
CA LEU A 180 -2.10 -0.26 -32.62
C LEU A 180 -2.25 1.12 -33.21
N GLY A 181 -3.51 1.54 -33.15
CA GLY A 181 -4.11 2.77 -33.63
C GLY A 181 -3.67 4.00 -32.88
N SER A 182 -4.09 5.12 -33.41
CA SER A 182 -3.60 6.37 -32.95
C SER A 182 -2.08 6.30 -32.87
N CYS A 183 -1.52 7.03 -33.79
CA CYS A 183 -0.11 7.24 -33.92
C CYS A 183 -0.12 8.70 -34.24
N PRO A 184 1.03 9.26 -34.49
CA PRO A 184 1.02 10.62 -34.97
C PRO A 184 0.46 10.60 -36.41
N ALA A 185 0.98 9.59 -37.15
CA ALA A 185 0.64 9.24 -38.54
C ALA A 185 -0.57 8.30 -38.66
N SER A 186 -1.56 8.68 -37.86
CA SER A 186 -2.87 8.12 -37.74
C SER A 186 -3.16 6.72 -38.27
N LEU A 187 -3.49 5.82 -37.32
CA LEU A 187 -3.94 4.45 -37.54
C LEU A 187 -3.07 3.33 -38.11
N ALA A 188 -2.61 2.44 -37.21
CA ALA A 188 -1.80 1.27 -37.54
C ALA A 188 -2.44 -0.11 -37.38
N ALA A 189 -2.30 -0.93 -38.42
CA ALA A 189 -2.77 -2.30 -38.42
C ALA A 189 -1.58 -3.25 -38.38
N SER A 190 -1.42 -3.99 -37.29
CA SER A 190 -0.34 -4.95 -37.21
C SER A 190 -0.93 -6.35 -37.21
N ASP A 191 -0.35 -7.17 -38.04
CA ASP A 191 -0.72 -8.54 -38.15
C ASP A 191 0.45 -9.37 -37.70
N LEU A 192 0.32 -9.90 -36.49
CA LEU A 192 1.39 -10.62 -35.85
C LEU A 192 1.49 -12.10 -36.24
N ALA A 193 0.65 -12.52 -37.15
CA ALA A 193 0.52 -13.91 -37.56
C ALA A 193 1.72 -14.66 -38.11
N ALA A 194 1.51 -15.99 -38.18
CA ALA A 194 2.51 -16.89 -38.69
C ALA A 194 3.79 -16.61 -37.93
N ALA A 195 4.81 -16.38 -38.74
CA ALA A 195 6.10 -16.00 -38.23
C ALA A 195 6.16 -14.55 -37.73
N PRO A 196 5.92 -13.57 -38.63
CA PRO A 196 6.12 -12.10 -38.44
C PRO A 196 5.07 -11.09 -37.92
N ALA A 197 5.42 -9.81 -38.28
CA ALA A 197 4.65 -8.57 -38.03
C ALA A 197 4.68 -7.65 -39.27
N ALA A 198 3.50 -7.42 -39.89
CA ALA A 198 3.39 -6.58 -41.09
C ALA A 198 3.38 -5.09 -40.89
N ALA A 199 2.35 -4.58 -40.25
CA ALA A 199 2.29 -3.14 -40.01
C ALA A 199 2.05 -2.33 -41.27
N GLY A 200 0.79 -1.92 -41.45
CA GLY A 200 0.27 -1.10 -42.57
C GLY A 200 -0.52 0.12 -42.00
N ILE A 201 -0.21 1.31 -42.52
CA ILE A 201 -0.75 2.59 -42.05
C ILE A 201 -1.99 3.15 -42.76
N VAL A 202 -2.96 3.56 -41.97
CA VAL A 202 -4.23 4.09 -42.43
C VAL A 202 -4.20 5.45 -43.11
N GLY A 203 -5.32 5.85 -43.71
CA GLY A 203 -5.40 7.16 -44.32
C GLY A 203 -5.73 8.16 -43.22
N ALA A 204 -4.71 8.91 -42.80
CA ALA A 204 -4.79 9.86 -41.70
C ALA A 204 -6.12 10.59 -41.45
N GLN A 205 -6.82 10.18 -40.38
CA GLN A 205 -7.99 10.88 -39.89
C GLN A 205 -7.47 11.97 -39.00
N CYS A 206 -8.31 12.87 -38.54
CA CYS A 206 -7.86 13.93 -37.63
C CYS A 206 -6.57 14.66 -38.02
N THR A 207 -6.55 15.91 -37.65
CA THR A 207 -5.45 16.78 -37.91
C THR A 207 -4.63 16.99 -36.63
N GLY A 208 -3.43 17.52 -36.77
CA GLY A 208 -2.58 17.76 -35.60
C GLY A 208 -3.20 18.73 -34.62
N ALA A 209 -4.18 19.51 -35.08
CA ALA A 209 -4.86 20.48 -34.24
C ALA A 209 -5.91 19.85 -33.28
N GLN A 210 -6.55 18.75 -33.72
CA GLN A 210 -7.53 17.97 -32.96
C GLN A 210 -6.84 16.99 -32.02
N ASN A 211 -7.12 17.10 -30.72
CA ASN A 211 -6.51 16.26 -29.69
C ASN A 211 -7.39 15.08 -29.19
N CYS A 212 -6.96 13.85 -29.44
CA CYS A 212 -7.65 12.64 -29.04
C CYS A 212 -7.39 12.28 -27.59
N SER A 213 -8.45 12.13 -26.81
CA SER A 213 -8.27 11.80 -25.41
C SER A 213 -7.53 10.47 -25.22
N SER A 214 -6.91 10.33 -24.06
CA SER A 214 -6.22 9.09 -23.67
C SER A 214 -7.21 7.96 -23.39
N GLN A 215 -8.54 8.19 -23.45
CA GLN A 215 -9.48 7.11 -23.10
C GLN A 215 -10.65 6.94 -24.10
N ALA A 216 -10.45 6.20 -25.17
CA ALA A 216 -11.51 5.95 -26.09
C ALA A 216 -12.31 4.71 -25.71
N ALA A 217 -13.59 4.66 -26.09
CA ALA A 217 -14.32 3.46 -25.79
C ALA A 217 -14.18 2.55 -27.00
N GLN A 218 -14.26 1.25 -26.80
CA GLN A 218 -14.11 0.30 -27.90
C GLN A 218 -14.81 -1.00 -27.60
N ALA A 219 -15.64 -1.44 -28.54
CA ALA A 219 -16.36 -2.70 -28.42
C ALA A 219 -15.65 -3.82 -29.19
N ASN A 220 -14.94 -4.68 -28.47
CA ASN A 220 -14.26 -5.80 -29.08
C ASN A 220 -15.30 -6.63 -29.89
N TYR A 221 -16.46 -7.02 -29.31
CA TYR A 221 -17.48 -7.82 -30.02
C TYR A 221 -17.83 -7.38 -31.44
N PRO A 222 -17.91 -6.08 -31.65
CA PRO A 222 -18.22 -5.53 -32.97
C PRO A 222 -17.35 -4.28 -33.17
N GLY A 223 -16.17 -4.49 -33.75
CA GLY A 223 -15.14 -3.49 -33.99
C GLY A 223 -15.53 -2.01 -33.94
N MET A 224 -16.19 -1.59 -32.85
CA MET A 224 -16.58 -0.21 -32.71
C MET A 224 -15.69 0.66 -31.80
N LEU A 225 -14.79 1.43 -32.40
CA LEU A 225 -13.90 2.31 -31.64
C LEU A 225 -14.46 3.74 -31.74
N VAL A 226 -14.76 4.40 -30.63
CA VAL A 226 -15.31 5.75 -30.71
C VAL A 226 -14.39 6.61 -29.87
N TRP A 227 -13.79 7.64 -30.51
CA TRP A 227 -12.74 8.43 -29.89
C TRP A 227 -13.05 9.92 -29.94
N ALA A 228 -13.41 10.41 -28.76
CA ALA A 228 -13.77 11.79 -28.54
C ALA A 228 -12.55 12.70 -28.53
N VAL A 229 -12.66 13.95 -29.00
CA VAL A 229 -11.52 14.85 -28.96
C VAL A 229 -11.63 15.70 -27.73
N ALA A 230 -10.72 16.62 -27.49
CA ALA A 230 -10.87 17.52 -26.34
C ALA A 230 -12.17 18.31 -26.40
N SER A 231 -12.94 18.02 -27.46
CA SER A 231 -14.30 18.47 -27.77
C SER A 231 -15.20 17.35 -28.42
N SER A 232 -15.05 16.96 -29.73
CA SER A 232 -15.94 15.94 -30.32
C SER A 232 -15.49 14.74 -31.20
N ILE A 233 -16.40 13.71 -31.27
CA ILE A 233 -16.37 12.32 -31.79
C ILE A 233 -16.04 11.86 -33.23
N LEU A 234 -14.90 11.14 -33.33
CA LEU A 234 -14.39 10.41 -34.48
C LEU A 234 -14.78 8.91 -34.27
N GLN A 235 -15.32 8.23 -35.29
CA GLN A 235 -15.69 6.82 -35.22
C GLN A 235 -15.08 5.98 -36.35
N GLY A 236 -14.63 4.75 -35.99
CA GLY A 236 -14.01 3.82 -36.93
C GLY A 236 -14.47 2.39 -36.71
N ASP A 237 -14.81 1.71 -37.83
CA ASP A 237 -15.24 0.32 -37.90
C ASP A 237 -14.10 -0.57 -38.24
N ILE A 238 -13.74 -1.36 -37.23
CA ILE A 238 -12.64 -2.26 -37.32
C ILE A 238 -12.95 -3.74 -37.53
N PRO A 239 -12.38 -4.19 -38.65
CA PRO A 239 -12.37 -5.56 -39.01
C PRO A 239 -10.95 -5.77 -39.53
N ALA A 240 -10.80 -6.97 -39.89
CA ALA A 240 -9.65 -7.68 -40.30
C ALA A 240 -8.93 -6.93 -41.26
N ALA A 241 -9.89 -6.76 -42.09
CA ALA A 241 -9.70 -6.06 -43.25
C ALA A 241 -9.90 -4.60 -42.89
N GLY A 242 -8.77 -3.93 -42.71
CA GLY A 242 -8.69 -2.52 -42.47
C GLY A 242 -9.77 -1.86 -41.63
N ALA A 243 -9.47 -0.62 -41.31
CA ALA A 243 -10.37 0.20 -40.58
C ALA A 243 -11.24 0.96 -41.56
N THR A 244 -12.44 1.36 -41.14
CA THR A 244 -13.19 2.19 -42.06
C THR A 244 -13.81 3.35 -41.28
N MET A 245 -13.48 4.57 -41.71
CA MET A 245 -13.99 5.76 -41.05
C MET A 245 -15.42 6.15 -41.38
N LYS A 246 -16.08 6.61 -40.33
CA LYS A 246 -17.46 7.09 -40.34
C LYS A 246 -17.46 8.60 -40.11
N ALA A 247 -18.49 9.26 -40.61
CA ALA A 247 -18.56 10.70 -40.47
C ALA A 247 -18.49 11.14 -39.02
N ALA A 248 -17.70 12.19 -38.74
CA ALA A 248 -17.57 12.71 -37.39
C ALA A 248 -18.86 13.33 -36.85
N ILE A 249 -19.01 13.26 -35.55
CA ILE A 249 -20.17 13.85 -34.90
C ILE A 249 -19.65 14.64 -33.72
N ASP A 250 -20.32 15.78 -33.48
CA ASP A 250 -20.04 16.66 -32.38
C ASP A 250 -20.98 16.35 -31.22
N GLY A 251 -20.43 15.93 -30.09
CA GLY A 251 -21.19 15.61 -28.90
C GLY A 251 -21.95 16.82 -28.29
N ASN A 252 -21.40 18.03 -28.44
CA ASN A 252 -22.01 19.25 -27.92
C ASN A 252 -22.75 20.12 -28.94
N GLU A 253 -23.94 20.52 -28.51
CA GLU A 253 -24.84 21.35 -29.26
C GLU A 253 -24.39 22.79 -29.32
N SER A 254 -23.52 23.05 -30.31
CA SER A 254 -22.95 24.31 -30.77
C SER A 254 -22.99 25.50 -29.84
N GLY A 255 -24.18 25.78 -29.34
CA GLY A 255 -24.39 26.85 -28.40
C GLY A 255 -23.75 26.47 -27.07
N ARG A 256 -23.76 25.17 -26.77
CA ARG A 256 -23.13 24.62 -25.57
C ARG A 256 -21.62 24.92 -25.61
N LYS A 257 -21.02 24.72 -26.79
CA LYS A 257 -19.61 24.94 -27.09
C LYS A 257 -19.10 26.34 -26.75
N ALA A 258 -19.89 27.37 -27.06
CA ALA A 258 -19.48 28.74 -26.78
C ALA A 258 -19.72 29.07 -25.33
N ASP A 259 -20.69 28.35 -24.83
CA ASP A 259 -21.09 28.47 -23.46
C ASP A 259 -20.11 27.71 -22.55
N ASN A 260 -19.03 27.23 -23.15
CA ASN A 260 -17.97 26.56 -22.41
C ASN A 260 -18.05 25.04 -22.18
N PHE A 261 -18.98 24.32 -22.79
CA PHE A 261 -18.97 22.87 -22.60
C PHE A 261 -17.81 22.15 -23.31
N ARG A 262 -17.30 21.08 -22.66
CA ARG A 262 -16.24 20.19 -23.17
C ARG A 262 -16.11 18.91 -22.35
N SER A 263 -15.61 17.84 -22.95
CA SER A 263 -15.52 16.61 -22.19
C SER A 263 -14.60 16.74 -20.94
N ALA A 264 -14.82 15.83 -19.97
CA ALA A 264 -14.20 15.70 -18.64
C ALA A 264 -12.81 15.11 -18.46
N GLY A 265 -12.65 14.44 -17.27
CA GLY A 265 -11.37 13.83 -16.88
C GLY A 265 -11.49 12.34 -16.57
N PHE A 266 -10.52 11.55 -17.03
CA PHE A 266 -10.58 10.10 -16.87
C PHE A 266 -11.32 9.29 -17.92
N GLN A 267 -11.95 8.23 -17.53
CA GLN A 267 -12.70 7.42 -18.47
C GLN A 267 -14.02 8.12 -18.86
N MET A 268 -13.91 9.08 -19.79
CA MET A 268 -14.97 9.95 -20.28
C MET A 268 -16.04 9.33 -21.17
N VAL A 269 -15.62 8.44 -22.05
CA VAL A 269 -16.52 7.78 -22.99
C VAL A 269 -16.88 6.35 -22.62
N ALA A 270 -18.09 5.95 -23.06
CA ALA A 270 -18.68 4.61 -22.95
C ALA A 270 -19.58 4.43 -24.16
N LYS A 271 -19.79 3.20 -24.64
CA LYS A 271 -20.61 2.92 -25.83
C LYS A 271 -21.40 1.66 -25.61
N LEU A 272 -22.74 1.73 -25.71
CA LEU A 272 -23.51 0.50 -25.55
C LEU A 272 -23.68 -0.13 -26.91
N LYS A 273 -23.30 -1.40 -26.99
CA LYS A 273 -23.35 -2.11 -28.25
C LYS A 273 -24.71 -2.55 -28.79
N ASN A 274 -25.62 -3.07 -27.96
CA ASN A 274 -26.93 -3.57 -28.41
C ASN A 274 -27.70 -2.46 -29.10
N THR A 275 -27.47 -1.28 -28.56
CA THR A 275 -27.89 -0.06 -29.19
C THR A 275 -26.68 0.53 -29.88
N ASP A 276 -26.79 1.73 -30.31
CA ASP A 276 -25.65 2.32 -30.96
C ASP A 276 -25.53 3.67 -30.34
N GLY A 277 -25.50 3.59 -29.01
CA GLY A 277 -25.41 4.78 -28.18
C GLY A 277 -24.05 5.02 -27.58
N ILE A 278 -23.66 6.30 -27.65
CA ILE A 278 -22.50 6.84 -27.01
C ILE A 278 -22.80 7.65 -25.75
N MET A 279 -22.14 7.30 -24.63
CA MET A 279 -22.22 8.06 -23.38
C MET A 279 -20.98 8.95 -23.25
N ILE A 280 -21.15 10.23 -22.87
CA ILE A 280 -20.02 11.17 -22.82
C ILE A 280 -20.12 12.12 -21.62
N LEU A 281 -19.10 12.08 -20.77
CA LEU A 281 -19.04 12.98 -19.63
C LEU A 281 -18.66 14.36 -20.13
N THR A 282 -19.43 15.38 -19.72
CA THR A 282 -19.13 16.74 -20.11
C THR A 282 -19.46 17.74 -19.03
N VAL A 283 -18.97 18.94 -19.24
CA VAL A 283 -19.21 20.09 -18.38
C VAL A 283 -18.50 21.34 -18.88
N GLU A 284 -18.80 22.43 -18.21
CA GLU A 284 -18.18 23.71 -18.47
C GLU A 284 -16.76 23.69 -17.89
N HIS A 285 -15.80 23.36 -18.79
CA HIS A 285 -14.35 23.17 -18.65
C HIS A 285 -13.46 24.33 -19.13
N SER A 286 -12.24 24.03 -19.71
CA SER A 286 -11.27 25.04 -20.19
C SER A 286 -9.91 24.47 -20.71
N ARG A 287 -9.00 24.07 -19.79
CA ARG A 287 -7.72 23.36 -19.98
C ARG A 287 -7.71 22.39 -18.83
N SER A 288 -8.88 22.35 -18.22
CA SER A 288 -9.17 21.49 -17.12
C SER A 288 -9.63 20.12 -17.60
N CYS A 289 -8.92 19.63 -18.62
CA CYS A 289 -9.22 18.36 -19.27
C CYS A 289 -9.39 17.15 -18.36
N LEU A 290 -8.58 17.06 -17.30
CA LEU A 290 -8.58 15.93 -16.38
C LEU A 290 -9.52 16.01 -15.17
N ALA A 291 -10.29 17.11 -15.02
CA ALA A 291 -11.18 17.33 -13.87
C ALA A 291 -12.55 16.64 -14.02
N ALA A 292 -13.31 16.53 -12.91
CA ALA A 292 -14.63 15.86 -12.85
C ALA A 292 -15.80 16.60 -13.47
N ALA A 293 -16.75 15.79 -13.98
CA ALA A 293 -17.91 16.34 -14.66
C ALA A 293 -19.19 16.06 -13.91
N GLU A 294 -20.14 17.02 -13.95
CA GLU A 294 -21.42 16.88 -13.27
C GLU A 294 -22.49 16.34 -14.23
N ASN A 295 -22.19 16.25 -15.53
CA ASN A 295 -23.18 15.86 -16.55
C ASN A 295 -22.74 14.77 -17.55
N THR A 296 -23.74 14.16 -18.22
CA THR A 296 -23.52 13.10 -19.22
C THR A 296 -24.52 13.19 -20.40
N SER A 297 -24.02 13.30 -21.62
CA SER A 297 -24.91 13.36 -22.75
C SER A 297 -24.91 12.06 -23.52
N SER A 298 -26.09 11.57 -23.88
CA SER A 298 -26.23 10.33 -24.64
C SER A 298 -26.48 10.69 -26.11
N VAL A 299 -25.84 9.98 -27.02
CA VAL A 299 -25.96 10.28 -28.42
C VAL A 299 -26.22 9.02 -29.27
N THR A 300 -26.93 9.14 -30.40
CA THR A 300 -27.14 7.99 -31.29
C THR A 300 -25.90 7.89 -32.16
N ALA A 301 -25.22 6.77 -32.13
CA ALA A 301 -24.01 6.66 -32.90
C ALA A 301 -24.17 6.74 -34.40
N SER A 302 -25.36 6.40 -34.92
CA SER A 302 -25.57 6.40 -36.37
C SER A 302 -25.94 7.78 -36.87
N VAL A 303 -26.92 8.33 -36.17
CA VAL A 303 -27.53 9.65 -36.31
C VAL A 303 -27.05 10.46 -35.11
N GLY A 304 -26.01 11.28 -35.25
CA GLY A 304 -25.42 11.99 -34.12
C GLY A 304 -26.35 12.80 -33.22
N GLN A 305 -27.62 12.40 -33.15
CA GLN A 305 -28.59 13.12 -32.37
C GLN A 305 -28.61 12.80 -30.89
N THR A 306 -28.84 13.83 -30.06
CA THR A 306 -28.90 13.67 -28.62
C THR A 306 -30.23 13.14 -28.18
N SER A 307 -30.15 11.99 -27.56
CA SER A 307 -31.27 11.27 -27.06
C SER A 307 -31.44 11.61 -25.61
N GLY A 308 -30.32 12.04 -25.03
CA GLY A 308 -30.36 12.23 -23.60
C GLY A 308 -29.52 13.34 -22.98
N PRO A 309 -30.02 13.60 -21.79
CA PRO A 309 -29.75 14.65 -20.79
C PRO A 309 -28.54 14.52 -19.85
N ILE A 310 -28.87 13.94 -18.71
CA ILE A 310 -28.12 13.51 -17.54
C ILE A 310 -27.26 14.39 -16.62
N SER A 311 -27.93 14.86 -15.56
CA SER A 311 -27.34 15.56 -14.43
C SER A 311 -27.04 14.50 -13.40
N ASN A 312 -25.77 14.15 -13.27
CA ASN A 312 -25.42 13.11 -12.33
C ASN A 312 -25.59 13.43 -10.86
N GLY A 313 -25.64 14.70 -10.48
CA GLY A 313 -25.76 15.00 -9.06
C GLY A 313 -24.44 14.83 -8.28
N HIS A 314 -23.38 14.42 -8.96
CA HIS A 314 -22.10 14.31 -8.29
C HIS A 314 -20.99 14.58 -9.27
N ASP A 315 -19.83 14.90 -8.69
CA ASP A 315 -18.59 15.15 -9.38
C ASP A 315 -17.98 13.82 -9.80
N SER A 316 -18.31 13.38 -11.03
CA SER A 316 -17.85 12.11 -11.59
C SER A 316 -16.64 12.20 -12.50
N ASP A 317 -15.72 11.24 -12.37
CA ASP A 317 -14.51 11.21 -13.20
C ASP A 317 -14.54 10.16 -14.29
N ALA A 318 -15.25 9.09 -14.06
CA ALA A 318 -15.24 8.02 -15.02
C ALA A 318 -16.61 7.35 -15.11
N ILE A 319 -16.93 6.90 -16.32
CA ILE A 319 -18.20 6.23 -16.61
C ILE A 319 -17.97 5.03 -17.48
N ILE A 320 -19.03 4.24 -17.54
CA ILE A 320 -19.27 3.02 -18.33
C ILE A 320 -20.69 2.50 -18.29
N ALA A 321 -20.93 1.40 -18.98
CA ALA A 321 -22.27 0.87 -19.01
C ALA A 321 -22.28 -0.63 -19.03
N ALA A 322 -23.40 -1.14 -18.55
CA ALA A 322 -23.68 -2.56 -18.54
C ALA A 322 -24.01 -2.89 -20.00
N GLN A 323 -23.32 -3.84 -20.55
CA GLN A 323 -23.54 -4.25 -21.92
C GLN A 323 -24.81 -5.08 -22.14
N ASP A 324 -25.85 -4.90 -21.31
CA ASP A 324 -27.06 -5.69 -21.49
C ASP A 324 -28.32 -4.99 -22.00
N GLY A 325 -29.41 -5.77 -22.20
CA GLY A 325 -30.69 -5.28 -22.71
C GLY A 325 -31.20 -3.96 -22.11
N ALA A 326 -31.21 -3.84 -20.77
CA ALA A 326 -31.64 -2.60 -20.13
C ALA A 326 -30.53 -2.21 -19.18
N SER A 327 -29.71 -1.31 -19.69
CA SER A 327 -28.44 -0.90 -19.13
C SER A 327 -28.43 0.13 -18.01
N ASP A 328 -27.43 -0.09 -17.15
CA ASP A 328 -27.01 0.75 -16.05
C ASP A 328 -25.81 1.57 -16.47
N ASN A 329 -25.79 2.82 -16.07
CA ASN A 329 -24.71 3.74 -16.27
C ASN A 329 -23.95 3.75 -14.95
N TYR A 330 -22.66 3.43 -15.00
CA TYR A 330 -21.85 3.45 -13.80
C TYR A 330 -21.13 4.78 -13.73
N ALA A 331 -21.19 5.43 -12.57
CA ALA A 331 -20.53 6.70 -12.46
C ALA A 331 -19.61 6.68 -11.27
N ASN A 332 -18.30 6.79 -11.59
CA ASN A 332 -17.23 6.75 -10.60
C ASN A 332 -16.56 8.12 -10.27
N SER A 333 -16.71 8.54 -9.01
CA SER A 333 -16.03 9.70 -8.48
C SER A 333 -14.77 9.22 -7.80
N ALA A 334 -13.62 9.73 -8.21
CA ALA A 334 -12.38 9.30 -7.59
C ALA A 334 -12.20 10.00 -6.24
N GLY A 335 -12.69 11.22 -6.15
CA GLY A 335 -12.53 11.99 -4.93
C GLY A 335 -13.35 11.46 -3.76
N THR A 336 -14.55 11.02 -4.02
CA THR A 336 -15.38 10.57 -2.92
C THR A 336 -15.36 9.06 -2.67
N GLU A 337 -14.58 8.36 -3.51
CA GLU A 337 -14.34 6.91 -3.56
C GLU A 337 -15.58 6.06 -3.55
N VAL A 338 -16.55 6.53 -4.30
CA VAL A 338 -17.83 5.90 -4.41
C VAL A 338 -18.35 5.85 -5.85
N LEU A 339 -18.94 4.72 -6.13
CA LEU A 339 -19.50 4.40 -7.42
C LEU A 339 -21.00 4.57 -7.42
N ASP A 340 -21.46 5.52 -8.21
CA ASP A 340 -22.85 5.87 -8.32
C ASP A 340 -23.44 5.12 -9.49
N ILE A 341 -24.43 4.28 -9.20
CA ILE A 341 -25.07 3.50 -10.23
C ILE A 341 -26.45 4.02 -10.62
N TYR A 342 -26.67 4.25 -11.92
CA TYR A 342 -27.94 4.78 -12.40
C TYR A 342 -28.50 3.95 -13.52
N ASP A 343 -29.79 4.21 -13.74
CA ASP A 343 -30.52 3.64 -14.84
C ASP A 343 -30.21 4.50 -16.06
N ALA A 344 -29.69 3.88 -17.12
CA ALA A 344 -29.28 4.59 -18.33
C ALA A 344 -30.40 5.34 -19.03
N ALA A 345 -31.45 5.58 -18.26
CA ALA A 345 -32.64 6.31 -18.59
C ALA A 345 -32.98 7.26 -17.42
N SER A 346 -31.91 7.94 -16.91
CA SER A 346 -31.90 8.96 -15.86
C SER A 346 -31.48 8.69 -14.38
N ASP A 347 -32.41 8.18 -13.59
CA ASP A 347 -32.36 7.98 -12.14
C ASP A 347 -31.21 7.17 -11.51
N GLN A 348 -30.67 7.72 -10.41
CA GLN A 348 -29.63 7.03 -9.63
C GLN A 348 -30.28 5.98 -8.71
N ASP A 349 -29.81 4.73 -8.79
CA ASP A 349 -30.36 3.65 -7.97
C ASP A 349 -29.69 3.28 -6.65
N GLN A 350 -28.46 2.74 -6.80
CA GLN A 350 -27.56 2.23 -5.78
C GLN A 350 -26.40 3.20 -5.47
N SER A 351 -25.45 2.74 -4.65
CA SER A 351 -24.29 3.55 -4.27
C SER A 351 -23.25 2.66 -3.58
N SER A 352 -22.00 2.90 -3.90
CA SER A 352 -20.99 2.01 -3.40
C SER A 352 -19.83 2.82 -2.88
N VAL A 353 -19.81 2.89 -1.56
CA VAL A 353 -18.86 3.66 -0.78
C VAL A 353 -17.54 2.92 -0.58
N GLU A 354 -16.56 3.70 -0.15
CA GLU A 354 -15.27 3.24 0.28
C GLU A 354 -14.44 2.31 -0.59
N LEU A 355 -14.44 2.56 -1.89
CA LEU A 355 -13.63 1.81 -2.86
C LEU A 355 -12.30 2.53 -2.89
N ASP A 356 -11.89 2.84 -1.65
CA ASP A 356 -10.78 3.64 -1.16
C ASP A 356 -9.55 3.89 -1.97
N LYS A 357 -9.01 5.04 -1.64
CA LYS A 357 -7.88 5.71 -2.24
C LYS A 357 -8.28 6.69 -3.32
N GLY A 358 -8.22 6.27 -4.59
CA GLY A 358 -8.61 7.05 -5.72
C GLY A 358 -8.94 6.11 -6.88
N PRO A 359 -10.16 5.54 -6.86
CA PRO A 359 -10.61 4.60 -7.87
C PRO A 359 -10.78 5.26 -9.24
N GLU A 360 -10.49 4.51 -10.32
CA GLU A 360 -10.57 5.14 -11.63
C GLU A 360 -11.16 4.36 -12.80
N SER A 361 -10.94 3.03 -12.89
CA SER A 361 -11.44 2.23 -14.02
C SER A 361 -12.62 1.32 -13.76
N LEU A 362 -13.50 1.27 -14.77
CA LEU A 362 -14.65 0.38 -14.77
C LEU A 362 -14.50 -0.60 -15.95
N SER A 363 -14.72 -1.86 -15.71
CA SER A 363 -14.67 -2.80 -16.79
C SER A 363 -15.82 -3.75 -16.52
N VAL A 364 -16.49 -4.12 -17.60
CA VAL A 364 -17.65 -4.99 -17.58
C VAL A 364 -17.44 -6.03 -18.66
N GLN A 365 -18.13 -7.14 -18.53
CA GLN A 365 -18.03 -8.11 -19.58
C GLN A 365 -19.18 -7.89 -20.58
N ASN A 366 -18.93 -8.08 -21.86
CA ASN A 366 -20.01 -8.00 -22.81
C ASN A 366 -20.53 -9.42 -23.01
N GLU A 367 -21.47 -9.77 -22.12
CA GLU A 367 -22.11 -11.07 -22.08
C GLU A 367 -23.46 -11.24 -22.73
N ALA A 368 -23.58 -12.43 -23.32
CA ALA A 368 -24.82 -12.97 -23.88
C ALA A 368 -25.70 -13.49 -22.74
N VAL B 1 -10.42 26.10 -5.64
CA VAL B 1 -11.83 26.39 -5.58
C VAL B 1 -12.44 26.41 -6.99
N ASP B 2 -13.39 25.52 -7.16
CA ASP B 2 -14.03 25.29 -8.43
C ASP B 2 -12.95 24.69 -9.30
N PRO B 3 -13.07 23.39 -9.50
CA PRO B 3 -12.12 22.63 -10.25
C PRO B 3 -12.04 22.96 -11.75
N ARG B 4 -13.16 23.40 -12.33
CA ARG B 4 -13.23 23.71 -13.75
C ARG B 4 -13.09 25.14 -14.19
N ALA B 5 -12.24 25.88 -13.50
CA ALA B 5 -12.03 27.27 -13.82
C ALA B 5 -10.58 27.41 -14.22
N LYS B 6 -10.28 28.40 -15.06
CA LYS B 6 -8.95 28.66 -15.59
C LYS B 6 -7.92 28.79 -14.47
N TRP B 7 -6.82 28.07 -14.66
CA TRP B 7 -5.67 28.06 -13.78
C TRP B 7 -5.36 29.49 -13.40
N GLN B 8 -5.00 29.69 -12.15
CA GLN B 8 -4.70 31.04 -11.71
C GLN B 8 -3.41 30.92 -10.92
N PRO B 9 -2.32 31.25 -11.60
CA PRO B 9 -1.00 31.09 -11.01
C PRO B 9 -0.72 32.13 -9.95
N GLN B 10 0.11 31.73 -8.99
CA GLN B 10 0.61 32.57 -7.90
C GLN B 10 2.09 32.33 -7.70
N ASP B 11 2.71 33.20 -6.93
CA ASP B 11 4.16 33.12 -6.74
C ASP B 11 4.52 33.35 -5.30
N ASN B 12 3.81 32.70 -4.38
CA ASN B 12 4.13 32.94 -3.01
C ASN B 12 4.02 31.72 -2.13
N ASP B 13 3.45 30.64 -2.63
CA ASP B 13 3.36 29.52 -1.70
C ASP B 13 4.41 28.45 -1.87
N ILE B 14 4.27 27.70 -2.98
CA ILE B 14 5.07 26.57 -3.43
C ILE B 14 4.63 25.21 -2.95
N GLN B 15 4.00 25.20 -1.81
CA GLN B 15 3.44 23.98 -1.28
C GLN B 15 2.02 23.77 -1.78
N ALA B 16 1.46 24.86 -2.31
CA ALA B 16 0.11 24.89 -2.85
C ALA B 16 0.11 24.59 -4.34
N CYS B 17 -1.04 24.16 -4.84
CA CYS B 17 -1.18 23.74 -6.20
C CYS B 17 -1.36 24.85 -7.23
N ASP B 18 -1.66 26.02 -6.75
CA ASP B 18 -1.86 27.10 -7.68
C ASP B 18 -0.56 27.84 -7.93
N TYR B 19 0.50 27.21 -7.45
CA TYR B 19 1.84 27.75 -7.61
C TYR B 19 2.30 27.75 -9.07
N TRP B 20 2.79 28.90 -9.51
CA TRP B 20 3.23 29.09 -10.89
C TRP B 20 3.99 27.96 -11.57
N ARG B 21 5.08 27.48 -10.99
CA ARG B 21 5.82 26.42 -11.68
C ARG B 21 5.11 25.07 -11.80
N HIS B 22 4.06 24.88 -11.02
CA HIS B 22 3.34 23.63 -11.02
C HIS B 22 2.23 23.50 -12.06
N CYS B 23 2.22 24.31 -13.09
CA CYS B 23 1.16 24.32 -14.09
C CYS B 23 0.85 23.03 -14.81
N SER B 24 1.65 21.99 -14.59
CA SER B 24 1.36 20.72 -15.23
C SER B 24 1.95 19.52 -14.52
N ILE B 25 1.84 19.56 -13.19
CA ILE B 25 2.27 18.45 -12.36
C ILE B 25 1.12 17.44 -12.18
N ALA B 26 1.52 16.20 -11.97
CA ALA B 26 0.64 15.08 -11.69
C ALA B 26 1.40 14.30 -10.65
N GLY B 27 0.91 14.39 -9.45
CA GLY B 27 1.60 13.73 -8.40
C GLY B 27 1.52 14.54 -7.15
N ASN B 28 2.70 14.68 -6.57
CA ASN B 28 2.90 15.39 -5.33
C ASN B 28 4.14 16.24 -5.43
N ILE B 29 4.09 17.30 -4.62
CA ILE B 29 5.16 18.25 -4.47
C ILE B 29 6.26 17.71 -3.51
N CYS B 30 7.56 17.76 -3.93
CA CYS B 30 8.71 17.25 -3.12
C CYS B 30 9.00 17.98 -1.82
N ASP B 31 8.70 19.24 -1.79
CA ASP B 31 9.03 20.04 -0.64
C ASP B 31 8.28 19.56 0.60
N CYS B 32 7.19 18.86 0.33
CA CYS B 32 6.29 18.31 1.34
C CYS B 32 6.73 16.97 1.92
N SER B 33 7.76 16.35 1.34
CA SER B 33 8.25 15.04 1.81
C SER B 33 9.77 15.04 2.01
N ALA B 34 10.33 16.25 2.25
CA ALA B 34 11.72 16.56 2.51
C ALA B 34 12.60 16.96 1.33
N GLY B 35 12.02 17.08 0.16
CA GLY B 35 12.83 17.52 -0.92
C GLY B 35 12.84 19.02 -0.82
N SER B 36 12.94 19.66 -1.97
CA SER B 36 12.85 21.10 -2.08
C SER B 36 12.24 21.30 -3.44
N LEU B 37 11.95 22.54 -3.80
CA LEU B 37 11.31 22.82 -5.08
C LEU B 37 12.02 22.26 -6.31
N THR B 38 13.33 22.01 -6.22
CA THR B 38 14.08 21.51 -7.35
C THR B 38 15.03 20.41 -6.98
N SER B 39 14.90 19.94 -5.75
CA SER B 39 15.72 18.87 -5.25
C SER B 39 14.88 17.77 -4.62
N CYS B 40 15.36 16.53 -4.75
CA CYS B 40 14.70 15.36 -4.25
C CYS B 40 14.97 15.07 -2.77
N PRO B 41 14.04 14.44 -2.12
CA PRO B 41 14.26 14.09 -0.75
C PRO B 41 15.37 13.04 -0.73
N PRO B 42 16.00 12.86 0.44
CA PRO B 42 17.04 11.84 0.62
C PRO B 42 16.55 10.41 0.37
N GLY B 43 17.48 9.55 -0.05
CA GLY B 43 17.20 8.13 -0.33
C GLY B 43 16.38 7.92 -1.58
N THR B 44 16.04 9.02 -2.21
CA THR B 44 15.25 8.93 -3.40
C THR B 44 16.16 9.11 -4.62
N LEU B 45 15.74 8.61 -5.76
CA LEU B 45 16.52 8.70 -6.98
C LEU B 45 15.87 9.59 -8.03
N VAL B 46 16.66 10.50 -8.57
CA VAL B 46 16.29 11.50 -9.58
C VAL B 46 16.33 10.94 -11.00
N ALA B 47 15.25 11.15 -11.73
CA ALA B 47 15.16 10.70 -13.10
C ALA B 47 15.87 11.65 -14.02
N SER B 48 16.01 11.19 -15.28
CA SER B 48 16.50 11.91 -16.44
C SER B 48 15.31 12.35 -17.27
N GLY B 49 14.38 11.42 -17.41
CA GLY B 49 13.17 11.70 -18.12
C GLY B 49 12.38 12.80 -17.42
N SER B 50 11.58 13.48 -18.22
CA SER B 50 10.73 14.51 -17.71
C SER B 50 9.73 14.89 -18.75
N TRQ B 51 8.88 15.79 -18.35
CA TRQ B 51 7.85 16.29 -19.22
C TRQ B 51 7.75 17.79 -18.99
O TRQ B 51 7.87 18.28 -17.88
CB TRQ B 51 6.50 15.58 -19.05
CG TRQ B 51 5.82 15.76 -17.72
CD1 TRQ B 51 5.17 16.91 -17.32
NE1 TRQ B 51 4.70 16.76 -16.04
CE2 TRQ B 51 5.07 15.52 -15.56
CZ2 TRQ B 51 4.85 14.93 -14.33
CH2 TRQ B 51 5.24 13.61 -14.12
CZ3 TRQ B 51 5.87 12.92 -15.14
CE3 TRQ B 51 6.16 13.55 -16.30
CD2 TRQ B 51 5.72 14.84 -16.58
O6 TRQ B 51 4.98 13.03 -13.06
O7 TRQ B 51 4.26 15.57 -13.50
N VAL B 52 7.59 18.49 -20.10
CA VAL B 52 7.58 19.92 -20.11
C VAL B 52 6.22 20.55 -20.02
N GLY B 53 6.29 21.80 -19.60
CA GLY B 53 5.15 22.63 -19.44
C GLY B 53 5.64 24.06 -19.54
N SER B 54 4.91 24.86 -20.28
CA SER B 54 5.20 26.26 -20.43
C SER B 54 4.38 27.03 -19.39
N CYS B 55 4.97 27.30 -18.26
CA CYS B 55 4.29 28.02 -17.22
C CYS B 55 4.55 29.53 -17.19
N TYR B 56 3.51 30.31 -16.96
CA TYR B 56 3.56 31.75 -16.81
C TYR B 56 3.81 32.22 -15.38
N ASN B 57 4.81 33.07 -15.23
CA ASN B 57 5.20 33.72 -13.96
C ASN B 57 4.49 35.06 -13.84
N PRO B 58 3.75 35.21 -12.77
CA PRO B 58 2.97 36.42 -12.51
C PRO B 58 3.80 37.65 -12.19
N PRO B 59 4.95 37.50 -11.50
CA PRO B 59 5.76 38.65 -11.11
C PRO B 59 6.41 39.23 -12.33
N ASP B 60 7.45 38.55 -12.79
CA ASP B 60 8.02 38.92 -14.06
C ASP B 60 7.15 38.14 -15.02
N PRO B 61 6.41 38.83 -15.83
CA PRO B 61 5.41 38.22 -16.69
C PRO B 61 5.87 37.48 -17.92
N ASN B 62 6.69 36.48 -17.72
CA ASN B 62 7.01 35.68 -18.86
C ASN B 62 6.96 34.22 -18.50
N LYS B 63 6.67 33.41 -19.53
CA LYS B 63 6.56 31.99 -19.39
C LYS B 63 7.94 31.39 -19.43
N TYR B 64 8.07 30.26 -18.74
CA TYR B 64 9.30 29.51 -18.63
C TYR B 64 8.94 28.07 -18.82
N ILE B 65 9.89 27.29 -19.34
CA ILE B 65 9.75 25.86 -19.53
C ILE B 65 10.15 25.07 -18.32
N THR B 66 9.17 24.53 -17.63
CA THR B 66 9.43 23.75 -16.46
C THR B 66 9.63 22.29 -16.83
N ALA B 67 10.72 21.66 -16.37
CA ALA B 67 10.96 20.24 -16.63
C ALA B 67 10.61 19.39 -15.43
N TYR B 68 9.39 18.81 -15.43
CA TYR B 68 8.91 18.02 -14.31
C TYR B 68 9.55 16.67 -14.19
N ARG B 69 10.63 16.62 -13.38
CA ARG B 69 11.35 15.37 -13.10
C ARG B 69 10.84 14.66 -11.87
N ASP B 70 10.74 13.33 -11.95
CA ASP B 70 10.34 12.60 -10.81
C ASP B 70 11.54 12.12 -9.98
N CYS B 71 11.33 11.98 -8.69
CA CYS B 71 12.26 11.38 -7.77
C CYS B 71 11.66 10.02 -7.54
N CYS B 72 12.45 8.96 -7.67
CA CYS B 72 11.83 7.65 -7.60
C CYS B 72 12.53 6.73 -6.65
N GLY B 73 11.98 5.54 -6.49
CA GLY B 73 12.55 4.51 -5.65
C GLY B 73 11.94 4.45 -4.25
N TYR B 74 10.79 5.12 -4.14
CA TYR B 74 9.95 5.22 -2.96
C TYR B 74 8.50 5.16 -3.39
N ASN B 75 7.64 5.06 -2.41
CA ASN B 75 6.22 5.00 -2.60
C ASN B 75 5.63 6.41 -2.56
N VAL B 76 4.40 6.61 -3.07
CA VAL B 76 3.87 7.95 -3.09
C VAL B 76 3.89 8.58 -1.72
N SER B 77 4.35 9.82 -1.69
CA SER B 77 4.47 10.52 -0.45
C SER B 77 3.13 10.73 0.24
N GLY B 78 2.08 10.92 -0.56
CA GLY B 78 0.74 11.16 -0.10
C GLY B 78 0.53 12.55 0.48
N ARG B 79 1.56 13.40 0.36
CA ARG B 79 1.52 14.76 0.86
C ARG B 79 0.77 15.78 0.03
N CYS B 80 1.49 16.76 -0.50
CA CYS B 80 0.79 17.78 -1.25
C CYS B 80 0.35 17.31 -2.64
N ALA B 81 -0.79 16.66 -2.65
CA ALA B 81 -1.40 16.07 -3.84
C ALA B 81 -1.82 17.10 -4.87
N CYS B 82 -1.31 17.01 -6.11
CA CYS B 82 -1.76 17.96 -7.16
C CYS B 82 -1.88 17.36 -8.56
N LEU B 83 -2.83 17.91 -9.35
CA LEU B 83 -3.00 17.56 -10.75
C LEU B 83 -3.37 18.83 -11.53
N ASN B 84 -2.42 19.32 -12.35
CA ASN B 84 -2.67 20.52 -13.15
C ASN B 84 -2.45 20.12 -14.61
N THR B 85 -3.04 20.86 -15.56
CA THR B 85 -3.00 20.45 -16.96
C THR B 85 -2.75 21.51 -18.02
N GLU B 86 -2.00 22.53 -17.66
CA GLU B 86 -1.69 23.57 -18.61
C GLU B 86 -0.91 23.03 -19.80
N GLY B 87 -1.66 22.92 -20.90
CA GLY B 87 -1.18 22.49 -22.19
C GLY B 87 -0.73 21.03 -22.27
N GLU B 88 -1.33 20.11 -21.47
CA GLU B 88 -0.86 18.72 -21.43
C GLU B 88 -0.80 17.80 -22.64
N LEU B 89 -1.74 17.84 -23.57
CA LEU B 89 -1.60 16.92 -24.71
C LEU B 89 -1.61 15.45 -24.34
N PRO B 90 -2.31 14.62 -25.16
CA PRO B 90 -2.44 13.18 -24.98
C PRO B 90 -1.15 12.35 -25.05
N VAL B 91 -1.24 11.05 -24.68
CA VAL B 91 -0.11 10.12 -24.57
C VAL B 91 0.76 10.05 -25.77
N TYR B 92 0.23 10.49 -26.91
CA TYR B 92 0.99 10.60 -28.11
C TYR B 92 2.03 11.70 -27.99
N ASN B 93 2.70 11.47 -26.85
CA ASN B 93 3.88 11.98 -26.19
C ASN B 93 4.10 13.38 -25.65
N LYS B 94 5.13 13.36 -24.73
CA LYS B 94 5.97 14.36 -24.05
C LYS B 94 5.50 15.66 -23.44
N ASP B 95 4.27 16.03 -23.65
CA ASP B 95 3.77 17.21 -23.02
C ASP B 95 2.79 16.68 -22.00
N ALA B 96 2.79 15.31 -22.06
CA ALA B 96 1.98 14.27 -21.38
C ALA B 96 2.30 13.92 -19.92
N ASN B 97 1.36 14.23 -19.01
CA ASN B 97 1.56 13.98 -17.60
C ASN B 97 1.04 12.73 -16.87
N ASP B 98 0.47 11.72 -17.55
CA ASP B 98 0.05 10.54 -16.77
C ASP B 98 1.20 9.58 -16.64
N ILE B 99 2.14 9.74 -17.54
CA ILE B 99 3.33 8.92 -17.60
C ILE B 99 4.24 9.13 -16.40
N ILE B 100 4.70 8.04 -15.82
CA ILE B 100 5.64 8.18 -14.75
C ILE B 100 7.06 8.32 -15.31
N TRP B 101 7.48 9.56 -15.34
CA TRP B 101 8.77 9.93 -15.82
C TRP B 101 9.82 9.58 -14.78
N CYS B 102 10.41 8.40 -14.86
CA CYS B 102 11.46 8.00 -13.90
C CYS B 102 12.70 7.44 -14.57
N PHE B 103 12.87 7.63 -15.88
CA PHE B 103 14.03 7.04 -16.54
C PHE B 103 15.40 7.62 -16.14
N GLY B 104 16.06 6.93 -15.19
CA GLY B 104 17.36 7.23 -14.60
C GLY B 104 17.31 7.01 -13.05
N GLY B 105 18.25 6.25 -12.46
CA GLY B 105 18.26 6.05 -11.01
C GLY B 105 19.13 4.87 -10.51
N GLU B 106 18.45 3.98 -9.79
CA GLU B 106 18.95 2.72 -9.31
C GLU B 106 18.37 1.65 -10.25
N ASP B 107 17.18 2.03 -10.68
CA ASP B 107 16.25 1.32 -11.53
C ASP B 107 14.84 1.81 -11.25
N GLY B 108 14.84 2.91 -10.48
CA GLY B 108 13.69 3.57 -9.97
C GLY B 108 12.64 3.96 -10.98
N MET B 109 11.61 3.13 -11.00
CA MET B 109 10.42 3.35 -11.79
C MET B 109 9.24 3.72 -10.91
N THR B 110 9.46 3.71 -9.62
CA THR B 110 8.40 3.98 -8.70
C THR B 110 8.20 5.47 -8.36
N TYR B 111 6.97 5.92 -8.52
CA TYR B 111 6.65 7.30 -8.26
C TYR B 111 6.57 7.69 -6.79
N HIS B 112 7.39 8.66 -6.39
CA HIS B 112 7.34 9.25 -5.05
C HIS B 112 6.99 10.70 -5.10
N CYS B 113 7.67 11.33 -6.04
CA CYS B 113 7.77 12.74 -6.09
C CYS B 113 7.93 13.38 -7.47
N SER B 114 7.54 14.66 -7.53
CA SER B 114 7.63 15.49 -8.71
C SER B 114 8.29 16.80 -8.37
N ILE B 115 9.40 17.03 -9.08
CA ILE B 115 10.22 18.22 -8.92
C ILE B 115 9.80 19.29 -9.94
N SER B 116 10.02 20.58 -9.65
CA SER B 116 9.58 21.63 -10.58
C SER B 116 10.64 22.65 -10.97
N PRO B 117 11.78 22.18 -11.49
CA PRO B 117 12.87 23.05 -11.93
C PRO B 117 12.61 23.81 -13.24
N VAL B 118 13.11 25.04 -13.28
CA VAL B 118 13.06 25.85 -14.47
C VAL B 118 14.22 25.47 -15.41
N SER B 119 13.90 25.10 -16.64
CA SER B 119 14.95 24.66 -17.54
C SER B 119 15.33 25.62 -18.68
N GLY B 120 14.47 26.57 -18.95
CA GLY B 120 14.72 27.51 -20.01
C GLY B 120 13.54 28.46 -20.07
N ALA B 121 13.53 29.34 -21.06
CA ALA B 121 12.42 30.27 -21.24
C ALA B 121 11.66 30.00 -22.53
N GLU C 1 1.06 29.05 3.77
CA GLU C 1 1.70 28.50 4.96
C GLU C 1 3.23 28.80 4.89
N LYS C 2 3.87 29.20 5.99
CA LYS C 2 5.29 29.58 5.98
C LYS C 2 6.28 28.49 5.58
N SER C 3 6.37 28.37 4.28
CA SER C 3 7.11 27.47 3.41
C SER C 3 6.38 27.86 2.14
N LYS C 4 6.33 29.18 2.24
CA LYS C 4 5.71 30.25 1.50
C LYS C 4 6.93 31.12 1.24
N VAL C 5 8.01 30.54 1.76
CA VAL C 5 9.37 30.94 1.56
C VAL C 5 9.92 30.04 0.45
N ALA C 6 9.54 30.55 -0.66
CA ALA C 6 9.71 30.08 -1.99
C ALA C 6 9.21 31.32 -2.67
N GLY C 7 10.04 32.20 -2.15
CA GLY C 7 10.30 33.60 -2.28
C GLY C 7 11.84 33.58 -2.23
N SER C 8 12.32 32.36 -1.92
CA SER C 8 13.73 32.04 -1.98
C SER C 8 14.07 31.80 -3.44
N ALA C 9 13.14 31.14 -4.13
CA ALA C 9 13.34 30.87 -5.53
C ALA C 9 13.09 32.10 -6.36
N ALA C 10 12.11 32.92 -5.97
CA ALA C 10 11.81 34.14 -6.71
C ALA C 10 13.09 34.92 -6.80
N ALA C 11 13.74 34.91 -5.64
CA ALA C 11 15.01 35.57 -5.45
C ALA C 11 16.05 35.01 -6.38
N ALA C 12 16.23 33.70 -6.38
CA ALA C 12 17.23 33.05 -7.23
C ALA C 12 16.98 33.34 -8.71
N SER C 13 15.71 33.27 -9.10
CA SER C 13 15.38 33.54 -10.49
C SER C 13 15.89 34.90 -10.90
N ALA C 14 15.47 35.95 -10.18
CA ALA C 14 15.90 37.31 -10.46
C ALA C 14 17.42 37.43 -10.57
N ALA C 15 18.11 36.69 -9.70
CA ALA C 15 19.55 36.68 -9.64
C ALA C 15 20.18 35.89 -10.79
N ALA C 16 19.32 35.37 -11.68
CA ALA C 16 19.73 34.56 -12.83
C ALA C 16 20.45 33.26 -12.47
N ALA C 17 19.92 32.57 -11.46
CA ALA C 17 20.56 31.36 -11.04
C ALA C 17 19.88 29.99 -11.25
N SER C 18 20.68 29.15 -11.84
CA SER C 18 20.71 27.71 -11.90
C SER C 18 19.55 26.75 -12.13
N ASP C 19 18.95 26.37 -11.01
CA ASP C 19 18.03 25.24 -10.95
C ASP C 19 18.78 23.99 -11.48
N GLY C 20 19.74 23.54 -10.65
CA GLY C 20 20.59 22.38 -10.86
C GLY C 20 20.21 21.31 -9.85
N SER C 21 19.37 20.40 -10.32
CA SER C 21 18.79 19.39 -9.46
C SER C 21 19.75 18.28 -9.03
N SER C 22 19.57 17.85 -7.78
CA SER C 22 20.31 16.80 -7.10
C SER C 22 19.49 16.20 -5.95
N CYS C 23 19.94 15.06 -5.41
CA CYS C 23 19.27 14.39 -4.30
C CYS C 23 19.83 15.02 -3.06
N ASP C 24 19.00 15.55 -2.20
CA ASP C 24 19.57 16.15 -1.02
C ASP C 24 19.78 15.24 0.16
N HIS C 25 20.30 15.79 1.28
CA HIS C 25 20.51 15.01 2.50
C HIS C 25 19.98 15.55 3.83
N GLY C 26 19.40 14.62 4.64
CA GLY C 26 18.82 14.94 5.94
C GLY C 26 19.81 15.75 6.79
N PRO C 27 19.31 16.64 7.61
CA PRO C 27 20.11 17.50 8.44
C PRO C 27 21.02 16.88 9.49
N GLY C 28 20.85 15.61 9.80
CA GLY C 28 21.74 15.03 10.80
C GLY C 28 21.04 14.80 12.12
N ALA C 29 21.12 13.56 12.56
CA ALA C 29 20.43 13.11 13.74
C ALA C 29 20.65 14.03 14.93
N ILE C 30 19.55 14.43 15.57
CA ILE C 30 19.54 15.23 16.78
C ILE C 30 18.32 14.99 17.63
N SER C 31 18.37 15.62 18.80
CA SER C 31 17.36 15.50 19.83
C SER C 31 15.91 15.85 19.45
N ARG C 32 15.74 16.85 18.60
CA ARG C 32 14.42 17.26 18.21
C ARG C 32 13.84 16.49 17.05
N ARG C 33 14.61 15.56 16.52
CA ARG C 33 14.13 14.77 15.42
C ARG C 33 13.10 13.77 15.92
N SER C 34 11.96 13.67 15.24
CA SER C 34 10.98 12.66 15.64
C SER C 34 10.52 11.86 14.47
N HIS C 35 10.50 10.53 14.71
CA HIS C 35 10.09 9.51 13.77
C HIS C 35 8.63 9.13 13.99
N ILE C 36 7.82 9.23 12.92
CA ILE C 36 6.43 8.83 12.97
C ILE C 36 6.15 7.65 12.03
N THR C 37 5.85 6.47 12.60
CA THR C 37 5.56 5.30 11.80
C THR C 37 4.06 5.10 11.56
N LEU C 38 3.71 4.51 10.42
CA LEU C 38 2.32 4.31 10.08
C LEU C 38 2.01 2.90 9.61
N PRO C 39 1.46 2.15 10.55
CA PRO C 39 1.09 0.76 10.40
C PRO C 39 -0.07 0.65 9.43
N ALA C 40 -0.63 1.82 9.17
CA ALA C 40 -1.71 2.09 8.24
C ALA C 40 -2.94 1.18 8.23
N TYR C 41 -3.45 0.86 9.39
CA TYR C 41 -4.62 0.03 9.46
C TYR C 41 -4.48 -1.41 9.00
N PHE C 42 -3.27 -1.96 9.08
CA PHE C 42 -3.03 -3.33 8.72
C PHE C 42 -2.68 -3.59 7.27
N ALA C 43 -2.38 -2.51 6.56
CA ALA C 43 -2.00 -2.62 5.16
C ALA C 43 -0.60 -3.25 4.94
N GLY C 44 -0.46 -4.02 3.82
CA GLY C 44 0.74 -4.75 3.44
C GLY C 44 1.93 -3.80 3.39
N THR C 45 1.65 -2.58 2.97
CA THR C 45 2.66 -1.56 2.93
C THR C 45 2.51 -0.48 4.00
N THR C 46 3.60 0.20 4.33
CA THR C 46 3.54 1.23 5.36
C THR C 46 4.61 2.29 5.15
N GLU C 47 4.56 3.34 6.00
CA GLU C 47 5.46 4.47 5.95
C GLU C 47 5.90 4.99 7.33
N ASN C 48 7.09 5.59 7.34
CA ASN C 48 7.71 6.18 8.52
C ASN C 48 8.16 7.60 8.19
N TRP C 49 7.71 8.51 9.01
CA TRP C 49 8.03 9.91 8.88
C TRP C 49 9.13 10.39 9.81
N VAL C 50 10.05 11.11 9.20
CA VAL C 50 11.13 11.75 9.91
C VAL C 50 10.83 13.25 9.85
N SER C 51 10.60 13.85 11.02
CA SER C 51 10.24 15.24 11.13
C SER C 51 11.20 15.94 12.04
N CYS C 52 11.31 17.22 11.79
CA CYS C 52 12.09 18.04 12.65
C CYS C 52 11.22 18.87 13.54
N ALA C 53 11.25 18.59 14.83
CA ALA C 53 10.55 19.43 15.79
C ALA C 53 11.30 20.76 15.91
N GLY C 54 10.51 21.79 16.06
CA GLY C 54 11.01 23.14 16.03
C GLY C 54 10.58 23.62 14.65
N CYS C 55 11.18 23.03 13.64
CA CYS C 55 10.77 23.42 12.30
C CYS C 55 9.38 22.90 12.03
N GLY C 56 9.15 21.63 12.39
CA GLY C 56 7.91 20.95 12.11
C GLY C 56 7.96 20.34 10.70
N VAL C 57 9.11 20.49 10.04
CA VAL C 57 9.35 19.97 8.71
C VAL C 57 9.71 18.47 8.72
N THR C 58 9.18 17.75 7.73
CA THR C 58 9.53 16.36 7.47
C THR C 58 10.91 16.41 6.77
N LEU C 59 11.89 15.64 7.21
CA LEU C 59 13.21 15.64 6.61
C LEU C 59 13.39 14.50 5.64
N GLY C 60 12.50 13.55 5.77
CA GLY C 60 12.57 12.36 4.98
C GLY C 60 11.38 11.47 5.27
N HIS C 61 11.49 10.23 4.79
CA HIS C 61 10.45 9.26 4.87
C HIS C 61 11.20 7.92 4.66
N SER C 62 10.63 6.80 5.06
CA SER C 62 11.18 5.47 4.89
C SER C 62 10.01 4.57 4.57
N LEU C 63 10.23 3.63 3.70
CA LEU C 63 9.20 2.71 3.37
C LEU C 63 9.41 1.38 4.05
N GLY C 64 8.32 0.75 4.42
CA GLY C 64 8.36 -0.50 5.11
C GLY C 64 7.20 -1.34 4.68
N ALA C 65 7.09 -2.50 5.24
CA ALA C 65 6.05 -3.41 4.85
C ALA C 65 5.02 -3.70 5.92
N PHE C 66 4.61 -4.95 5.98
CA PHE C 66 3.60 -5.39 6.91
C PHE C 66 3.99 -5.44 8.41
N LEU C 67 3.36 -4.54 9.18
CA LEU C 67 3.46 -4.43 10.64
C LEU C 67 4.86 -4.37 11.21
N SER C 68 5.73 -3.60 10.58
CA SER C 68 7.12 -3.48 10.99
C SER C 68 7.43 -2.80 12.32
N LEU C 69 8.55 -3.20 12.92
CA LEU C 69 8.93 -2.58 14.16
C LEU C 69 10.06 -1.56 13.95
N ALA C 70 9.80 -0.30 14.37
CA ALA C 70 10.75 0.79 14.25
C ALA C 70 11.77 0.92 15.40
N VAL C 71 13.06 1.11 15.10
CA VAL C 71 14.08 1.39 16.14
C VAL C 71 15.02 2.51 15.77
N ALA C 72 15.47 3.23 16.78
CA ALA C 72 16.38 4.36 16.60
C ALA C 72 17.50 4.31 17.66
N GLY C 73 18.77 4.21 17.22
CA GLY C 73 19.88 4.20 18.16
C GLY C 73 19.95 5.56 18.86
N HIS C 74 20.12 5.58 20.19
CA HIS C 74 20.17 6.82 20.97
C HIS C 74 21.27 7.80 20.66
N SER C 75 22.35 7.25 20.14
CA SER C 75 23.50 8.03 19.78
C SER C 75 23.23 8.79 18.49
N GLY C 76 22.21 8.34 17.77
CA GLY C 76 21.85 8.95 16.49
C GLY C 76 22.73 8.47 15.34
N SER C 77 23.24 7.28 15.51
CA SER C 77 24.11 6.61 14.55
C SER C 77 23.43 5.81 13.44
N ASP C 78 22.24 5.31 13.72
CA ASP C 78 21.44 4.51 12.82
C ASP C 78 20.03 4.47 13.36
N PHE C 79 19.11 4.10 12.49
CA PHE C 79 17.71 3.90 12.78
C PHE C 79 17.40 2.65 11.99
N ALA C 80 16.49 1.84 12.48
CA ALA C 80 16.28 0.58 11.80
C ALA C 80 14.84 0.17 11.76
N LEU C 81 14.64 -0.97 11.14
CA LEU C 81 13.33 -1.52 10.85
C LEU C 81 13.42 -3.03 10.61
N ALA C 82 12.59 -3.74 11.38
CA ALA C 82 12.32 -5.17 11.27
C ALA C 82 11.10 -5.27 10.34
N SER C 83 11.13 -6.13 9.31
CA SER C 83 10.04 -6.08 8.37
C SER C 83 9.72 -7.36 7.61
N THR C 84 8.55 -7.36 6.96
CA THR C 84 7.99 -8.47 6.23
C THR C 84 7.35 -8.06 4.92
N SER C 85 7.74 -8.82 3.91
CA SER C 85 7.25 -8.67 2.57
C SER C 85 6.89 -10.05 2.06
N PHE C 86 6.09 -10.06 1.00
CA PHE C 86 5.62 -11.24 0.34
C PHE C 86 5.74 -10.97 -1.14
N ALA C 87 6.11 -12.00 -1.93
CA ALA C 87 6.14 -11.86 -3.39
C ALA C 87 4.69 -11.83 -3.83
N ARG C 88 4.24 -10.89 -4.66
CA ARG C 88 2.82 -10.77 -5.03
C ARG C 88 2.07 -10.17 -3.85
N SER C 89 2.75 -9.18 -3.27
CA SER C 89 2.50 -8.51 -2.00
C SER C 89 1.12 -8.51 -1.36
N ALA C 90 1.07 -9.42 -0.40
CA ALA C 90 -0.04 -9.79 0.46
C ALA C 90 -0.09 -11.30 0.56
N LYS C 91 0.48 -11.97 -0.45
CA LYS C 91 0.49 -13.41 -0.59
C LYS C 91 1.75 -13.89 -1.23
N GLY C 92 1.97 -15.21 -1.25
CA GLY C 92 3.19 -15.76 -1.81
C GLY C 92 4.30 -15.89 -0.77
N LYS C 93 5.54 -16.08 -1.21
CA LYS C 93 6.62 -16.23 -0.27
C LYS C 93 6.80 -15.02 0.60
N ARG C 94 6.89 -15.32 1.87
CA ARG C 94 7.09 -14.33 2.88
C ARG C 94 8.56 -14.20 3.19
N THR C 95 8.98 -12.99 3.49
CA THR C 95 10.34 -12.73 3.83
C THR C 95 10.36 -11.72 4.93
N ASP C 96 11.00 -12.09 6.04
CA ASP C 96 11.21 -11.18 7.16
C ASP C 96 12.63 -10.69 7.05
N TYR C 97 12.90 -9.47 7.48
CA TYR C 97 14.26 -8.94 7.36
C TYR C 97 14.48 -7.74 8.26
N VAL C 98 15.72 -7.49 8.58
CA VAL C 98 16.12 -6.33 9.33
C VAL C 98 16.67 -5.30 8.34
N GLU C 99 16.28 -4.03 8.49
CA GLU C 99 16.80 -3.02 7.58
C GLU C 99 17.34 -1.89 8.45
N VAL C 100 18.55 -1.44 8.10
CA VAL C 100 19.29 -0.41 8.82
C VAL C 100 19.69 0.70 7.89
N PHE C 101 19.30 1.94 8.24
CA PHE C 101 19.59 3.10 7.40
C PHE C 101 20.56 4.10 8.02
N ASP C 102 21.29 4.75 7.12
CA ASP C 102 22.13 5.87 7.45
C ASP C 102 21.16 7.01 7.78
N PRO C 103 21.32 7.67 8.91
CA PRO C 103 20.38 8.68 9.35
C PRO C 103 20.39 10.00 8.60
N VAL C 104 21.40 10.18 7.73
CA VAL C 104 21.61 11.38 6.93
C VAL C 104 21.13 11.28 5.49
N THR C 105 21.51 10.18 4.86
CA THR C 105 21.15 9.89 3.50
C THR C 105 19.91 9.01 3.35
N PHE C 106 19.55 8.29 4.42
CA PHE C 106 18.37 7.44 4.36
C PHE C 106 18.55 6.19 3.52
N LEU C 107 19.81 5.89 3.16
CA LEU C 107 20.06 4.69 2.37
C LEU C 107 20.29 3.46 3.21
N PRO C 108 19.70 2.35 2.78
CA PRO C 108 19.86 1.12 3.49
C PRO C 108 21.34 0.80 3.57
N ILE C 109 21.89 0.68 4.77
CA ILE C 109 23.28 0.33 4.93
C ILE C 109 23.46 -1.17 5.11
N ALA C 110 22.35 -1.82 5.37
CA ALA C 110 22.31 -3.25 5.55
C ALA C 110 20.89 -3.71 5.37
N ASP C 111 20.77 -4.99 4.97
CA ASP C 111 19.51 -5.71 4.78
C ASP C 111 19.82 -7.13 5.20
N ILE C 112 19.30 -7.51 6.38
CA ILE C 112 19.54 -8.83 6.95
C ILE C 112 18.26 -9.64 7.03
N GLU C 113 18.28 -10.86 6.46
CA GLU C 113 17.11 -11.71 6.46
C GLU C 113 16.94 -12.57 7.69
N LEU C 114 15.71 -12.70 8.11
CA LEU C 114 15.40 -13.57 9.24
C LEU C 114 14.96 -14.93 8.69
N PRO C 115 15.63 -15.99 9.11
CA PRO C 115 15.46 -17.38 8.68
C PRO C 115 14.09 -17.95 8.37
N ASP C 116 13.25 -18.19 9.35
CA ASP C 116 11.97 -18.85 9.03
C ASP C 116 10.71 -18.02 9.21
N ALA C 117 10.71 -16.76 8.77
CA ALA C 117 9.54 -15.88 8.93
C ALA C 117 9.03 -15.89 10.38
N PRO C 118 9.92 -15.54 11.31
CA PRO C 118 9.71 -15.54 12.76
C PRO C 118 9.15 -14.28 13.45
N ARG C 119 8.98 -13.20 12.69
CA ARG C 119 8.59 -11.91 13.22
C ARG C 119 7.56 -11.67 14.31
N PHE C 120 6.36 -12.24 14.25
CA PHE C 120 5.28 -11.84 15.18
C PHE C 120 4.65 -10.52 14.70
N SER C 121 3.54 -10.68 14.01
CA SER C 121 2.78 -9.60 13.44
C SER C 121 1.75 -9.12 14.46
N VAL C 122 1.82 -7.83 14.82
CA VAL C 122 0.91 -7.24 15.80
C VAL C 122 0.91 -5.74 15.61
N GLY C 123 -0.15 -5.06 16.07
CA GLY C 123 -0.16 -3.61 16.03
C GLY C 123 1.05 -3.32 16.86
N PRO C 124 1.91 -2.40 16.44
CA PRO C 124 3.19 -2.24 17.10
C PRO C 124 3.22 -1.54 18.40
N ARG C 125 4.18 -1.97 19.19
CA ARG C 125 4.41 -1.33 20.44
C ARG C 125 5.88 -1.09 20.60
N VAL C 126 6.23 0.13 21.00
CA VAL C 126 7.61 0.32 21.31
C VAL C 126 7.91 -0.74 22.41
N HIS C 127 9.03 -1.41 22.26
CA HIS C 127 9.44 -2.37 23.25
C HIS C 127 9.17 -3.85 23.05
N ILE C 128 8.48 -4.19 21.97
CA ILE C 128 8.30 -5.61 21.68
C ILE C 128 9.38 -6.11 20.73
N ILE C 129 10.26 -5.13 20.43
CA ILE C 129 11.43 -5.22 19.58
C ILE C 129 12.44 -4.13 19.96
N GLY C 130 13.68 -4.53 20.30
CA GLY C 130 14.61 -3.52 20.71
C GLY C 130 16.09 -3.78 20.46
N ASN C 131 16.77 -2.63 20.40
CA ASN C 131 18.19 -2.50 20.27
C ASN C 131 18.78 -2.77 21.62
N CYS C 132 19.97 -3.34 21.65
CA CYS C 132 20.62 -3.52 22.91
C CYS C 132 21.45 -2.25 23.12
N ALA C 133 21.86 -1.96 24.36
CA ALA C 133 22.59 -0.73 24.74
C ALA C 133 23.87 -0.35 23.97
N SER C 134 24.55 -1.34 23.42
CA SER C 134 25.74 -1.17 22.64
C SER C 134 25.44 -0.91 21.16
N SER C 135 24.17 -1.16 20.80
CA SER C 135 23.67 -1.03 19.45
C SER C 135 24.29 -1.93 18.40
N ALA C 136 24.84 -3.04 18.91
CA ALA C 136 25.41 -4.06 18.08
C ALA C 136 24.37 -5.12 17.77
N CYS C 137 23.28 -5.10 18.55
CA CYS C 137 22.23 -6.08 18.40
C CYS C 137 20.86 -5.48 18.39
N LEU C 138 20.00 -6.30 17.82
CA LEU C 138 18.60 -6.04 17.69
C LEU C 138 17.90 -7.30 18.13
N LEU C 139 17.14 -7.15 19.20
CA LEU C 139 16.37 -8.27 19.73
C LEU C 139 14.94 -8.25 19.17
N PHE C 140 14.39 -9.36 18.76
CA PHE C 140 13.01 -9.33 18.27
C PHE C 140 12.23 -10.55 18.79
N PHE C 141 10.92 -10.40 19.05
CA PHE C 141 10.08 -11.44 19.63
C PHE C 141 9.37 -12.37 18.65
N LEU C 142 9.45 -13.70 18.86
CA LEU C 142 8.75 -14.71 18.07
C LEU C 142 7.62 -15.23 18.96
N PHE C 143 6.40 -15.33 18.43
CA PHE C 143 5.28 -15.86 19.17
C PHE C 143 4.86 -17.30 18.79
N GLY C 144 4.58 -17.49 17.50
CA GLY C 144 4.08 -18.72 16.90
C GLY C 144 5.14 -19.80 16.67
N SER C 145 4.69 -20.98 17.02
CA SER C 145 5.38 -22.23 17.06
C SER C 145 5.83 -22.32 18.50
N SER C 146 6.74 -21.41 18.86
CA SER C 146 7.29 -21.38 20.21
C SER C 146 7.67 -19.95 20.62
N ALA C 147 7.52 -19.63 21.90
CA ALA C 147 7.84 -18.29 22.38
C ALA C 147 9.33 -18.03 22.23
N ALA C 148 9.75 -17.02 21.48
CA ALA C 148 11.19 -16.90 21.36
C ALA C 148 11.70 -15.50 21.13
N ALA C 149 12.97 -15.31 21.54
CA ALA C 149 13.67 -14.07 21.32
C ALA C 149 14.79 -14.21 20.28
N GLY C 150 14.59 -13.61 19.12
CA GLY C 150 15.56 -13.63 18.06
C GLY C 150 16.66 -12.61 18.23
N LEU C 151 17.91 -13.07 18.00
CA LEU C 151 19.11 -12.26 18.11
C LEU C 151 19.74 -11.93 16.74
N SER C 152 19.61 -10.67 16.36
CA SER C 152 20.22 -10.22 15.11
C SER C 152 21.45 -9.35 15.36
N VAL C 153 22.56 -9.69 14.71
CA VAL C 153 23.79 -8.93 14.86
C VAL C 153 24.18 -8.05 13.68
N PRO C 154 24.16 -6.72 13.86
CA PRO C 154 24.60 -5.79 12.84
C PRO C 154 26.10 -5.73 12.86
N GLY C 155 26.57 -6.70 12.08
CA GLY C 155 27.89 -7.20 11.70
C GLY C 155 27.33 -8.01 10.56
N ALA C 156 26.05 -7.62 10.37
CA ALA C 156 25.09 -8.03 9.40
C ALA C 156 24.65 -9.47 9.45
N SER C 157 24.08 -9.95 10.57
CA SER C 157 23.67 -11.35 10.51
C SER C 157 22.72 -11.86 11.57
N ASP C 158 21.75 -12.76 11.17
CA ASP C 158 20.86 -13.39 12.15
C ASP C 158 21.78 -14.20 13.03
N ASP C 159 21.64 -14.06 14.32
CA ASP C 159 22.51 -14.80 15.18
C ASP C 159 21.93 -16.10 15.66
N GLN C 160 20.93 -16.00 16.53
CA GLN C 160 20.38 -17.15 17.21
C GLN C 160 18.96 -16.90 17.70
N LEU C 161 18.18 -17.97 17.77
CA LEU C 161 16.86 -17.89 18.36
C LEU C 161 16.96 -18.24 19.84
N THR C 162 16.87 -17.23 20.67
CA THR C 162 16.93 -17.42 22.10
C THR C 162 15.55 -17.88 22.63
N LYS C 163 15.38 -19.18 22.92
CA LYS C 163 14.13 -19.66 23.50
C LYS C 163 13.89 -19.08 24.89
N SER C 164 12.67 -18.60 25.13
CA SER C 164 12.29 -17.94 26.38
C SER C 164 10.96 -18.41 26.94
N ALA C 165 10.69 -18.02 28.19
CA ALA C 165 9.45 -18.41 28.83
C ALA C 165 8.26 -17.63 28.24
N SER C 166 7.01 -17.93 28.67
CA SER C 166 5.79 -17.24 28.22
C SER C 166 5.89 -15.82 28.71
N CYS C 167 6.45 -14.97 27.85
CA CYS C 167 6.87 -13.66 28.21
C CYS C 167 6.90 -12.78 26.96
N PHE C 168 6.67 -11.46 27.11
CA PHE C 168 6.49 -10.54 26.02
C PHE C 168 7.42 -9.37 25.71
N HIS C 169 7.40 -8.31 26.49
CA HIS C 169 8.29 -7.24 26.06
C HIS C 169 9.77 -7.63 26.12
N ILE C 170 10.62 -6.68 25.72
CA ILE C 170 12.06 -6.84 25.72
C ILE C 170 12.66 -5.50 26.10
N HIS C 171 13.23 -5.45 27.29
CA HIS C 171 13.83 -4.22 27.73
C HIS C 171 15.26 -4.61 28.02
N PRO C 172 16.14 -4.12 27.16
CA PRO C 172 17.55 -4.41 27.26
C PRO C 172 18.24 -3.66 28.37
N GLY C 173 18.82 -4.42 29.31
CA GLY C 173 19.54 -3.91 30.46
C GLY C 173 21.01 -3.71 30.18
N ALA C 174 21.54 -4.61 29.36
CA ALA C 174 22.95 -4.64 29.02
C ALA C 174 23.19 -5.30 27.68
N ALA C 175 24.44 -5.23 27.26
CA ALA C 175 24.89 -5.80 26.01
C ALA C 175 24.44 -7.23 25.78
N ALA C 176 24.29 -7.99 26.86
CA ALA C 176 23.97 -9.40 26.78
C ALA C 176 22.84 -9.77 27.73
N THR C 177 22.10 -8.78 28.16
CA THR C 177 21.07 -9.06 29.14
C THR C 177 19.87 -8.18 28.92
N HIS C 178 18.69 -8.80 29.00
CA HIS C 178 17.49 -8.07 28.72
C HIS C 178 16.32 -8.54 29.56
N TYR C 179 15.37 -7.65 29.79
CA TYR C 179 14.20 -8.06 30.53
C TYR C 179 13.02 -8.32 29.64
N LEU C 180 12.86 -9.56 29.31
CA LEU C 180 11.69 -10.00 28.57
C LEU C 180 10.79 -10.18 29.75
N GLY C 181 10.40 -9.04 30.23
CA GLY C 181 9.60 -8.93 31.43
C GLY C 181 8.14 -9.05 31.08
N SER C 182 7.34 -8.69 32.04
CA SER C 182 5.95 -8.89 31.89
C SER C 182 5.69 -10.29 31.43
N CYS C 183 5.14 -11.01 32.35
CA CYS C 183 4.78 -12.38 32.21
C CYS C 183 3.58 -12.44 33.09
N PRO C 184 2.93 -13.55 33.08
CA PRO C 184 1.91 -13.72 34.06
C PRO C 184 2.65 -14.04 35.40
N ALA C 185 3.83 -14.70 35.28
CA ALA C 185 4.73 -14.97 36.39
C ALA C 185 5.78 -13.82 36.60
N SER C 186 5.26 -12.62 36.32
CA SER C 186 5.92 -11.33 36.38
C SER C 186 7.44 -11.24 36.35
N LEU C 187 7.93 -10.75 35.22
CA LEU C 187 9.32 -10.35 34.96
C LEU C 187 10.48 -11.37 34.93
N ALA C 188 11.01 -11.60 33.73
CA ALA C 188 12.13 -12.48 33.53
C ALA C 188 13.42 -11.77 33.12
N ALA C 189 14.54 -12.20 33.69
CA ALA C 189 15.82 -11.68 33.32
C ALA C 189 16.49 -12.63 32.34
N SER C 190 16.79 -12.15 31.12
CA SER C 190 17.45 -13.01 30.15
C SER C 190 18.88 -12.60 29.85
N ASP C 191 19.77 -13.56 30.09
CA ASP C 191 21.20 -13.43 29.85
C ASP C 191 21.62 -14.34 28.68
N LEU C 192 21.80 -13.78 27.46
CA LEU C 192 22.18 -14.56 26.25
C LEU C 192 23.67 -14.83 25.97
N ALA C 193 24.50 -14.39 26.91
CA ALA C 193 25.97 -14.42 26.86
C ALA C 193 26.71 -15.75 26.70
N ALA C 194 27.98 -15.61 26.25
CA ALA C 194 28.85 -16.75 26.07
C ALA C 194 28.12 -17.73 25.18
N ALA C 195 28.06 -18.98 25.64
CA ALA C 195 27.37 -19.98 24.86
C ALA C 195 25.83 -19.96 24.88
N PRO C 196 25.20 -20.10 26.06
CA PRO C 196 23.73 -20.22 26.21
C PRO C 196 22.82 -19.02 26.53
N ALA C 197 21.69 -19.40 27.21
CA ALA C 197 20.56 -18.58 27.68
C ALA C 197 20.24 -18.92 29.14
N ALA C 198 20.31 -17.92 30.03
CA ALA C 198 20.06 -18.10 31.46
C ALA C 198 18.62 -18.35 31.87
N ALA C 199 17.87 -17.24 31.87
CA ALA C 199 16.44 -17.10 32.22
C ALA C 199 16.10 -17.22 33.70
N GLY C 200 16.13 -16.07 34.41
CA GLY C 200 15.81 -15.95 35.83
C GLY C 200 14.55 -15.12 36.06
N ILE C 201 13.66 -15.57 36.95
CA ILE C 201 12.41 -14.88 37.21
C ILE C 201 12.36 -14.12 38.55
N VAL C 202 11.81 -12.90 38.48
CA VAL C 202 11.61 -11.91 39.53
C VAL C 202 10.49 -12.24 40.53
N GLY C 203 10.42 -11.48 41.65
CA GLY C 203 9.36 -11.65 42.65
C GLY C 203 8.16 -10.89 42.13
N ALA C 204 7.13 -11.63 41.72
CA ALA C 204 5.91 -11.09 41.10
C ALA C 204 5.30 -9.75 41.56
N GLN C 205 5.58 -8.68 40.80
CA GLN C 205 4.92 -7.42 41.06
C GLN C 205 3.53 -7.59 40.52
N CYS C 206 2.59 -6.72 40.84
CA CYS C 206 1.24 -6.83 40.25
C CYS C 206 0.57 -8.15 40.47
N THR C 207 -0.75 -8.04 40.64
CA THR C 207 -1.68 -9.13 40.86
C THR C 207 -2.49 -9.50 39.61
N GLY C 208 -3.12 -10.68 39.57
CA GLY C 208 -3.91 -11.11 38.41
C GLY C 208 -4.96 -10.09 37.95
N ALA C 209 -5.39 -9.27 38.88
CA ALA C 209 -6.39 -8.25 38.66
C ALA C 209 -5.85 -6.94 38.07
N GLN C 210 -4.54 -6.73 38.09
CA GLN C 210 -3.98 -5.50 37.57
C GLN C 210 -3.56 -5.68 36.12
N ASN C 211 -4.22 -4.95 35.24
CA ASN C 211 -3.90 -5.08 33.83
C ASN C 211 -2.85 -4.09 33.39
N CYS C 212 -1.69 -4.60 32.95
CA CYS C 212 -0.55 -3.79 32.46
C CYS C 212 -0.72 -3.41 30.99
N SER C 213 -0.71 -2.12 30.72
CA SER C 213 -0.98 -1.67 29.37
C SER C 213 0.00 -2.24 28.34
N SER C 214 -0.46 -2.45 27.09
CA SER C 214 0.40 -2.98 26.03
C SER C 214 1.49 -1.99 25.62
N GLN C 215 1.47 -0.78 26.14
CA GLN C 215 2.46 0.21 25.72
C GLN C 215 3.19 0.90 26.90
N ALA C 216 4.19 0.20 27.46
CA ALA C 216 5.01 0.69 28.59
C ALA C 216 6.07 1.70 28.19
N ALA C 217 6.53 2.54 29.13
CA ALA C 217 7.63 3.51 28.85
C ALA C 217 8.94 3.03 29.49
N GLN C 218 10.06 3.13 28.77
CA GLN C 218 11.37 2.65 29.21
C GLN C 218 12.48 3.54 28.70
N ALA C 219 13.47 3.81 29.56
CA ALA C 219 14.65 4.58 29.17
C ALA C 219 15.86 3.66 29.08
N ASN C 220 16.30 3.28 27.87
CA ASN C 220 17.45 2.37 27.76
C ASN C 220 18.62 3.00 28.51
N TYR C 221 18.91 4.32 28.30
CA TYR C 221 20.01 5.05 28.98
C TYR C 221 20.11 4.70 30.45
N PRO C 222 19.00 4.85 31.16
CA PRO C 222 18.94 4.53 32.57
C PRO C 222 17.72 3.67 32.84
N GLY C 223 17.96 2.36 32.85
CA GLY C 223 17.00 1.28 33.03
C GLY C 223 15.74 1.59 33.83
N MET C 224 15.04 2.63 33.39
CA MET C 224 13.78 3.00 34.01
C MET C 224 12.58 2.59 33.13
N LEU C 225 11.83 1.64 33.64
CA LEU C 225 10.61 1.14 33.08
C LEU C 225 9.47 1.65 33.98
N VAL C 226 8.49 2.24 33.35
CA VAL C 226 7.32 2.79 33.98
C VAL C 226 6.20 2.11 33.23
N TRP C 227 5.31 1.42 33.97
CA TRP C 227 4.29 0.66 33.31
C TRP C 227 2.95 0.95 33.95
N ALA C 228 2.16 1.74 33.25
CA ALA C 228 0.83 2.06 33.78
C ALA C 228 -0.10 0.86 33.70
N VAL C 229 -1.16 0.88 34.50
CA VAL C 229 -2.17 -0.18 34.44
C VAL C 229 -3.39 0.45 33.79
N ALA C 230 -4.47 -0.29 33.63
CA ALA C 230 -5.66 0.32 33.06
C ALA C 230 -6.17 1.48 33.91
N SER C 231 -5.39 1.75 34.98
CA SER C 231 -5.53 2.80 35.99
C SER C 231 -4.14 3.39 36.35
N SER C 232 -3.27 2.80 37.26
CA SER C 232 -1.93 3.41 37.55
C SER C 232 -0.58 2.66 37.76
N ILE C 233 0.53 3.47 37.73
CA ILE C 233 1.99 3.20 37.66
C ILE C 233 2.82 2.28 38.57
N LEU C 234 3.36 1.24 37.92
CA LEU C 234 4.35 0.32 38.48
C LEU C 234 5.71 0.73 37.88
N GLN C 235 6.65 1.15 38.72
CA GLN C 235 7.97 1.52 38.26
C GLN C 235 9.02 0.51 38.65
N GLY C 236 10.02 0.27 37.77
CA GLY C 236 11.12 -0.66 38.05
C GLY C 236 12.44 -0.15 37.50
N ASP C 237 13.50 -0.29 38.32
CA ASP C 237 14.87 0.06 37.96
C ASP C 237 15.71 -1.18 37.77
N ILE C 238 16.13 -1.43 36.53
CA ILE C 238 16.90 -2.61 36.16
C ILE C 238 18.33 -2.33 35.68
N PRO C 239 19.34 -3.15 36.11
CA PRO C 239 20.73 -3.09 35.60
C PRO C 239 21.00 -4.54 35.23
N ALA C 240 22.20 -4.86 34.72
CA ALA C 240 22.47 -6.23 34.34
C ALA C 240 22.20 -7.21 35.48
N ALA C 241 22.21 -6.64 36.69
CA ALA C 241 21.95 -7.36 37.93
C ALA C 241 20.51 -7.13 38.40
N GLY C 242 19.62 -8.08 38.19
CA GLY C 242 18.23 -7.97 38.65
C GLY C 242 17.50 -6.60 38.58
N ALA C 243 16.18 -6.68 38.43
CA ALA C 243 15.35 -5.48 38.42
C ALA C 243 15.13 -5.05 39.86
N THR C 244 14.72 -3.81 40.12
CA THR C 244 14.42 -3.42 41.51
C THR C 244 13.18 -2.53 41.54
N MET C 245 12.17 -3.04 42.19
CA MET C 245 10.88 -2.40 42.32
C MET C 245 10.85 -1.13 43.16
N LYS C 246 10.07 -0.18 42.65
CA LYS C 246 9.79 1.10 43.28
C LYS C 246 8.36 1.11 43.77
N ALA C 247 8.06 2.03 44.70
CA ALA C 247 6.71 2.12 45.21
C ALA C 247 5.79 2.78 44.21
N ALA C 248 4.59 2.19 44.12
CA ALA C 248 3.52 2.54 43.24
C ALA C 248 2.96 3.92 43.49
N ILE C 249 2.52 4.52 42.41
CA ILE C 249 1.91 5.81 42.45
C ILE C 249 0.75 5.77 41.50
N ASP C 250 -0.33 6.45 41.86
CA ASP C 250 -1.53 6.51 41.04
C ASP C 250 -1.56 7.82 40.25
N GLY C 251 -1.64 7.74 38.93
CA GLY C 251 -1.68 8.94 38.09
C GLY C 251 -2.93 9.78 38.34
N ASN C 252 -4.05 9.12 38.54
CA ASN C 252 -5.31 9.80 38.76
C ASN C 252 -5.68 10.03 40.23
N GLU C 253 -6.01 11.28 40.51
CA GLU C 253 -6.34 11.74 41.84
C GLU C 253 -7.69 11.31 42.34
N SER C 254 -7.74 10.11 42.92
CA SER C 254 -8.88 9.49 43.56
C SER C 254 -10.26 10.00 43.16
N GLY C 255 -10.49 11.29 43.35
CA GLY C 255 -11.79 11.83 42.98
C GLY C 255 -12.04 11.60 41.48
N ARG C 256 -10.97 11.85 40.69
CA ARG C 256 -10.97 11.69 39.25
C ARG C 256 -11.35 10.24 38.90
N LYS C 257 -10.70 9.24 39.55
CA LYS C 257 -10.98 7.84 39.24
C LYS C 257 -12.45 7.49 39.47
N ALA C 258 -13.04 8.20 40.41
CA ALA C 258 -14.43 8.02 40.79
C ALA C 258 -15.31 8.58 39.71
N ASP C 259 -14.79 9.68 39.22
CA ASP C 259 -15.41 10.45 38.19
C ASP C 259 -15.11 9.93 36.78
N ASN C 260 -14.71 8.64 36.67
CA ASN C 260 -14.40 7.92 35.43
C ASN C 260 -13.11 8.24 34.67
N PHE C 261 -12.20 8.98 35.28
CA PHE C 261 -10.94 9.24 34.62
C PHE C 261 -10.16 7.97 34.42
N ARG C 262 -9.61 7.79 33.21
CA ARG C 262 -8.78 6.62 32.89
C ARG C 262 -7.87 6.76 31.65
N SER C 263 -6.86 5.90 31.57
CA SER C 263 -5.85 5.85 30.51
C SER C 263 -6.42 5.70 29.08
N ALA C 264 -5.79 6.38 28.10
CA ALA C 264 -6.17 6.39 26.68
C ALA C 264 -5.90 5.14 25.90
N GLY C 265 -5.64 5.34 24.60
CA GLY C 265 -5.34 4.20 23.71
C GLY C 265 -4.05 4.43 22.94
N PHE C 266 -3.25 3.39 22.87
CA PHE C 266 -1.96 3.51 22.22
C PHE C 266 -0.83 3.99 23.09
N GLN C 267 0.12 4.68 22.48
CA GLN C 267 1.28 5.14 23.20
C GLN C 267 0.84 6.17 24.23
N MET C 268 0.31 5.64 25.32
CA MET C 268 -0.18 6.39 26.45
C MET C 268 0.85 7.01 27.38
N VAL C 269 2.01 6.40 27.54
CA VAL C 269 2.93 6.94 28.53
C VAL C 269 4.21 7.46 27.90
N ALA C 270 4.90 8.30 28.67
CA ALA C 270 6.19 8.85 28.29
C ALA C 270 6.93 9.22 29.56
N LYS C 271 8.28 9.26 29.50
CA LYS C 271 9.10 9.56 30.68
C LYS C 271 10.28 10.36 30.21
N LEU C 272 10.50 11.53 30.82
CA LEU C 272 11.70 12.30 30.51
C LEU C 272 12.74 11.92 31.57
N LYS C 273 13.88 11.42 31.15
CA LYS C 273 14.98 11.05 32.02
C LYS C 273 15.77 12.24 32.58
N ASN C 274 15.96 13.31 31.77
CA ASN C 274 16.71 14.49 32.26
C ASN C 274 16.05 14.94 33.57
N THR C 275 14.74 14.80 33.57
CA THR C 275 13.95 14.98 34.73
C THR C 275 13.35 13.63 35.08
N ASP C 276 12.41 13.62 35.98
CA ASP C 276 11.90 12.35 36.37
C ASP C 276 10.39 12.43 36.30
N GLY C 277 9.95 12.94 35.13
CA GLY C 277 8.56 13.14 34.77
C GLY C 277 7.96 12.05 33.88
N ILE C 278 6.75 11.64 34.27
CA ILE C 278 5.93 10.74 33.49
C ILE C 278 4.72 11.41 32.92
N MET C 279 4.58 11.39 31.60
CA MET C 279 3.37 11.92 30.99
C MET C 279 2.44 10.77 30.69
N ILE C 280 1.14 10.99 30.82
CA ILE C 280 0.19 9.91 30.63
C ILE C 280 -1.13 10.40 30.08
N LEU C 281 -1.64 9.67 29.09
CA LEU C 281 -2.89 9.98 28.41
C LEU C 281 -4.07 9.45 29.16
N THR C 282 -4.92 10.39 29.51
CA THR C 282 -6.12 10.06 30.25
C THR C 282 -7.26 10.89 29.74
N VAL C 283 -8.43 10.41 30.12
CA VAL C 283 -9.74 11.02 29.89
C VAL C 283 -10.81 10.17 30.56
N GLU C 284 -12.07 10.58 30.49
CA GLU C 284 -13.09 9.77 31.12
C GLU C 284 -13.49 8.63 30.20
N HIS C 285 -12.97 7.41 30.48
CA HIS C 285 -13.16 6.16 29.73
C HIS C 285 -14.19 5.18 30.26
N SER C 286 -13.88 3.86 30.12
CA SER C 286 -14.77 2.76 30.51
C SER C 286 -14.13 1.32 30.40
N ARG C 287 -14.29 0.65 29.24
CA ARG C 287 -13.71 -0.63 28.78
C ARG C 287 -13.27 -0.23 27.39
N SER C 288 -13.26 1.08 27.22
CA SER C 288 -12.88 1.74 26.00
C SER C 288 -11.40 2.17 26.02
N CYS C 289 -10.59 1.22 26.48
CA CYS C 289 -9.16 1.35 26.65
C CYS C 289 -8.38 1.93 25.46
N LEU C 290 -8.63 1.39 24.27
CA LEU C 290 -7.98 1.78 23.02
C LEU C 290 -8.45 3.10 22.40
N ALA C 291 -9.33 3.85 23.07
CA ALA C 291 -9.83 5.12 22.55
C ALA C 291 -8.88 6.31 22.71
N ALA C 292 -9.20 7.40 22.01
CA ALA C 292 -8.42 8.63 22.09
C ALA C 292 -8.76 9.35 23.38
N ALA C 293 -7.82 10.14 23.86
CA ALA C 293 -8.01 10.85 25.10
C ALA C 293 -7.59 12.29 24.85
N GLU C 294 -8.33 13.22 25.45
CA GLU C 294 -8.12 14.65 25.25
C GLU C 294 -7.19 15.31 26.26
N ASN C 295 -6.65 14.57 27.24
CA ASN C 295 -5.80 15.22 28.23
C ASN C 295 -4.54 14.43 28.57
N THR C 296 -3.64 15.12 29.28
CA THR C 296 -2.37 14.59 29.75
C THR C 296 -1.98 15.24 31.07
N SER C 297 -1.78 14.37 32.05
CA SER C 297 -1.32 14.70 33.36
C SER C 297 0.18 14.45 33.48
N SER C 298 0.91 15.40 34.11
CA SER C 298 2.37 15.33 34.34
C SER C 298 2.57 14.94 35.79
N VAL C 299 3.42 13.96 36.04
CA VAL C 299 3.69 13.51 37.40
C VAL C 299 5.18 13.36 37.61
N THR C 300 5.59 13.43 38.88
CA THR C 300 6.97 13.27 39.32
C THR C 300 7.19 11.80 39.63
N ALA C 301 8.14 11.21 38.92
CA ALA C 301 8.46 9.81 39.08
C ALA C 301 8.92 9.48 40.50
N SER C 302 9.60 10.44 41.15
CA SER C 302 10.15 10.25 42.48
C SER C 302 9.13 10.41 43.63
N VAL C 303 8.26 11.37 43.44
CA VAL C 303 7.22 11.83 44.35
C VAL C 303 5.98 11.90 43.49
N GLY C 304 5.06 10.96 43.68
CA GLY C 304 3.87 10.85 42.83
C GLY C 304 3.05 12.11 42.56
N GLN C 305 3.64 13.28 42.75
CA GLN C 305 2.92 14.54 42.59
C GLN C 305 2.71 15.07 41.17
N THR C 306 1.48 15.56 40.94
CA THR C 306 1.07 16.14 39.69
C THR C 306 1.57 17.58 39.58
N SER C 307 2.58 17.72 38.77
CA SER C 307 3.19 19.01 38.59
C SER C 307 2.44 19.68 37.47
N GLY C 308 1.72 18.86 36.70
CA GLY C 308 1.14 19.35 35.46
C GLY C 308 -0.32 19.08 35.14
N PRO C 309 -0.80 20.02 34.32
CA PRO C 309 -2.18 20.22 33.84
C PRO C 309 -2.66 19.46 32.60
N ILE C 310 -2.26 20.03 31.43
CA ILE C 310 -2.30 19.66 30.00
C ILE C 310 -3.55 19.28 29.17
N SER C 311 -4.39 20.25 28.74
CA SER C 311 -5.54 20.00 27.85
C SER C 311 -5.10 20.18 26.39
N ASN C 312 -5.08 19.08 25.65
CA ASN C 312 -4.58 18.99 24.30
C ASN C 312 -5.39 19.65 23.17
N GLY C 313 -6.69 19.84 23.34
CA GLY C 313 -7.47 20.42 22.27
C GLY C 313 -7.77 19.48 21.11
N HIS C 314 -7.25 18.26 21.17
CA HIS C 314 -7.52 17.32 20.10
C HIS C 314 -7.68 15.92 20.62
N ASP C 315 -8.31 15.08 19.79
CA ASP C 315 -8.46 13.67 20.09
C ASP C 315 -7.11 12.99 19.80
N SER C 316 -6.21 12.88 20.81
CA SER C 316 -4.87 12.28 20.68
C SER C 316 -4.77 10.81 21.10
N ASP C 317 -4.09 9.98 20.29
CA ASP C 317 -3.91 8.56 20.54
C ASP C 317 -2.53 8.14 21.11
N ALA C 318 -1.49 8.86 20.74
CA ALA C 318 -0.17 8.48 21.20
C ALA C 318 0.67 9.73 21.49
N ILE C 319 1.60 9.59 22.43
CA ILE C 319 2.44 10.70 22.84
C ILE C 319 3.81 10.17 23.19
N ILE C 320 4.75 11.09 23.16
CA ILE C 320 6.14 11.02 23.58
C ILE C 320 6.67 12.43 23.75
N ALA C 321 7.94 12.57 24.15
CA ALA C 321 8.47 13.88 24.39
C ALA C 321 9.92 13.98 23.96
N ALA C 322 10.34 15.22 23.63
CA ALA C 322 11.71 15.49 23.24
C ALA C 322 12.57 15.19 24.46
N GLN C 323 13.50 14.27 24.34
CA GLN C 323 14.29 13.83 25.47
C GLN C 323 15.41 14.83 25.83
N ASP C 324 15.19 16.12 25.56
CA ASP C 324 16.17 17.19 25.83
C ASP C 324 15.85 18.19 26.96
N GLY C 325 16.84 19.04 27.29
CA GLY C 325 16.78 20.05 28.36
C GLY C 325 15.43 20.72 28.53
N ALA C 326 14.86 21.20 27.43
CA ALA C 326 13.54 21.79 27.43
C ALA C 326 12.75 21.13 26.30
N SER C 327 12.02 20.12 26.76
CA SER C 327 11.26 19.19 25.97
C SER C 327 9.93 19.61 25.37
N ASP C 328 9.73 19.10 24.15
CA ASP C 328 8.50 19.22 23.38
C ASP C 328 7.71 17.95 23.63
N ASN C 329 6.43 18.12 23.75
CA ASN C 329 5.52 17.00 23.95
C ASN C 329 4.90 16.70 22.60
N TYR C 330 5.03 15.45 22.19
CA TYR C 330 4.48 15.06 20.91
C TYR C 330 3.14 14.39 21.08
N ALA C 331 2.12 14.97 20.45
CA ALA C 331 0.76 14.43 20.43
C ALA C 331 0.32 13.99 19.03
N ASN C 332 0.28 12.66 18.82
CA ASN C 332 -0.11 12.06 17.56
C ASN C 332 -1.59 11.68 17.48
N SER C 333 -2.29 12.30 16.51
CA SER C 333 -3.66 11.98 16.21
C SER C 333 -3.75 11.02 15.02
N ALA C 334 -4.25 9.81 15.29
CA ALA C 334 -4.40 8.80 14.28
C ALA C 334 -5.59 9.13 13.35
N GLY C 335 -6.63 9.66 13.96
CA GLY C 335 -7.83 9.98 13.20
C GLY C 335 -7.69 11.11 12.17
N THR C 336 -6.96 12.14 12.54
CA THR C 336 -6.72 13.30 11.69
C THR C 336 -5.42 13.19 10.90
N GLU C 337 -4.67 12.13 11.14
CA GLU C 337 -3.41 11.95 10.45
C GLU C 337 -2.46 13.15 10.67
N VAL C 338 -2.49 13.70 11.88
CA VAL C 338 -1.64 14.83 12.21
C VAL C 338 -0.99 14.72 13.59
N LEU C 339 0.24 15.25 13.65
CA LEU C 339 1.09 15.32 14.82
C LEU C 339 1.05 16.72 15.38
N ASP C 340 0.47 16.83 16.55
CA ASP C 340 0.38 18.09 17.24
C ASP C 340 1.58 18.19 18.17
N ILE C 341 2.43 19.19 17.93
CA ILE C 341 3.59 19.47 18.75
C ILE C 341 3.37 20.55 19.78
N TYR C 342 3.80 20.27 21.01
CA TYR C 342 3.58 21.16 22.13
C TYR C 342 4.78 21.42 23.02
N ASP C 343 4.64 22.51 23.79
CA ASP C 343 5.62 22.83 24.82
C ASP C 343 5.26 21.93 26.00
N ALA C 344 6.22 21.19 26.52
CA ALA C 344 5.99 20.29 27.66
C ALA C 344 5.52 21.01 28.92
N ALA C 345 5.25 22.31 28.75
CA ALA C 345 4.75 23.22 29.76
C ALA C 345 3.58 24.03 29.17
N SER C 346 2.72 23.21 28.50
CA SER C 346 1.40 23.52 27.95
C SER C 346 1.10 23.85 26.47
N ASP C 347 1.57 24.99 26.01
CA ASP C 347 1.24 25.54 24.70
C ASP C 347 1.50 24.67 23.46
N GLN C 348 0.59 24.85 22.48
CA GLN C 348 0.69 24.20 21.18
C GLN C 348 1.51 25.02 20.19
N ASP C 349 2.54 24.42 19.64
CA ASP C 349 3.39 25.15 18.71
C ASP C 349 3.10 24.87 17.26
N GLN C 350 3.59 23.71 16.85
CA GLN C 350 3.45 23.20 15.53
C GLN C 350 2.26 22.27 15.33
N SER C 351 2.20 21.72 14.13
CA SER C 351 1.24 20.77 13.61
C SER C 351 1.82 20.27 12.31
N SER C 352 1.68 18.97 12.07
CA SER C 352 2.23 18.37 10.87
C SER C 352 1.22 17.39 10.24
N VAL C 353 0.51 17.93 9.25
CA VAL C 353 -0.60 17.33 8.53
C VAL C 353 -0.18 16.13 7.72
N GLU C 354 -1.18 15.43 7.24
CA GLU C 354 -1.06 14.33 6.31
C GLU C 354 0.01 13.25 6.45
N LEU C 355 0.19 12.73 7.66
CA LEU C 355 1.09 11.62 7.85
C LEU C 355 0.30 10.31 7.59
N ASP C 356 -0.49 10.39 6.52
CA ASP C 356 -1.55 9.51 6.01
C ASP C 356 -1.87 8.11 6.53
N LYS C 357 -3.17 7.87 6.65
CA LYS C 357 -3.78 6.65 7.12
C LYS C 357 -4.06 6.48 8.62
N GLY C 358 -3.11 5.99 9.40
CA GLY C 358 -3.32 5.77 10.81
C GLY C 358 -2.04 5.74 11.61
N PRO C 359 -1.26 6.80 11.46
CA PRO C 359 -0.02 7.00 12.18
C PRO C 359 -0.23 6.63 13.65
N GLU C 360 0.71 5.91 14.26
CA GLU C 360 0.50 5.50 15.65
C GLU C 360 1.73 5.54 16.52
N SER C 361 2.94 5.59 15.98
CA SER C 361 4.09 5.50 16.87
C SER C 361 5.09 6.61 16.67
N LEU C 362 5.50 7.16 17.83
CA LEU C 362 6.55 8.15 17.94
C LEU C 362 7.77 7.52 18.56
N SER C 363 8.94 7.76 17.97
CA SER C 363 10.21 7.29 18.51
C SER C 363 11.19 8.42 18.34
N VAL C 364 12.07 8.58 19.32
CA VAL C 364 13.11 9.62 19.34
C VAL C 364 14.41 9.03 19.88
N GLN C 365 15.56 9.62 19.51
CA GLN C 365 16.82 9.22 20.09
C GLN C 365 17.15 10.09 21.30
N ASN C 366 17.60 9.47 22.39
CA ASN C 366 17.99 10.20 23.59
C ASN C 366 19.47 10.58 23.39
N GLU C 367 19.79 11.84 23.05
CA GLU C 367 21.19 12.13 22.78
C GLU C 367 21.72 13.36 23.51
N ALA C 368 22.99 13.29 23.92
CA ALA C 368 23.62 14.45 24.53
C ALA C 368 23.89 15.49 23.45
N VAL D 1 -21.03 7.69 18.05
CA VAL D 1 -20.78 9.01 18.60
C VAL D 1 -20.28 8.91 20.03
N ASP D 2 -19.31 9.76 20.36
CA ASP D 2 -18.61 9.74 21.63
C ASP D 2 -17.92 8.40 21.70
N PRO D 3 -16.63 8.48 21.48
CA PRO D 3 -15.82 7.29 21.49
C PRO D 3 -15.57 6.71 22.90
N ARG D 4 -15.73 7.53 23.94
CA ARG D 4 -15.50 7.12 25.31
C ARG D 4 -16.77 6.89 26.09
N ALA D 5 -17.69 6.25 25.44
CA ALA D 5 -18.97 5.98 26.06
C ALA D 5 -19.17 4.48 26.00
N LYS D 6 -19.86 3.91 26.98
CA LYS D 6 -20.00 2.49 26.99
C LYS D 6 -20.65 2.04 25.69
N TRP D 7 -20.02 1.00 25.11
CA TRP D 7 -20.47 0.28 23.94
C TRP D 7 -21.93 -0.05 24.18
N GLN D 8 -22.71 0.02 23.12
CA GLN D 8 -24.14 -0.16 23.14
C GLN D 8 -24.53 -1.05 21.99
N PRO D 9 -24.86 -2.28 22.34
CA PRO D 9 -25.25 -3.29 21.38
C PRO D 9 -26.59 -3.07 20.67
N GLN D 10 -26.62 -3.56 19.43
CA GLN D 10 -27.77 -3.60 18.56
C GLN D 10 -27.71 -4.93 17.85
N ASP D 11 -28.86 -5.37 17.36
CA ASP D 11 -28.99 -6.63 16.67
C ASP D 11 -29.76 -6.43 15.38
N ASN D 12 -29.50 -5.33 14.67
CA ASN D 12 -30.25 -5.09 13.46
C ASN D 12 -29.43 -4.75 12.23
N ASP D 13 -28.14 -4.37 12.39
CA ASP D 13 -27.32 -3.98 11.26
C ASP D 13 -26.30 -5.01 10.75
N ILE D 14 -25.21 -5.22 11.49
CA ILE D 14 -24.09 -6.14 11.17
C ILE D 14 -22.92 -5.57 10.42
N GLN D 15 -23.15 -4.60 9.53
CA GLN D 15 -22.11 -3.87 8.84
C GLN D 15 -21.69 -2.66 9.68
N ALA D 16 -22.44 -2.47 10.79
CA ALA D 16 -22.28 -1.44 11.78
C ALA D 16 -21.37 -1.87 12.92
N CYS D 17 -20.59 -0.94 13.46
CA CYS D 17 -19.68 -1.28 14.54
C CYS D 17 -20.31 -1.53 15.92
N ASP D 18 -21.62 -1.31 16.08
CA ASP D 18 -22.36 -1.50 17.32
C ASP D 18 -23.27 -2.70 17.31
N TYR D 19 -22.93 -3.60 16.43
CA TYR D 19 -23.61 -4.87 16.31
C TYR D 19 -23.12 -5.73 17.44
N TRP D 20 -24.06 -6.41 18.08
CA TRP D 20 -23.77 -7.24 19.22
C TRP D 20 -22.53 -8.10 19.12
N ARG D 21 -22.41 -8.87 18.05
CA ARG D 21 -21.28 -9.75 17.89
C ARG D 21 -19.91 -9.12 17.75
N HIS D 22 -19.84 -7.89 17.28
CA HIS D 22 -18.60 -7.17 17.04
C HIS D 22 -17.94 -6.57 18.25
N CYS D 23 -18.33 -7.02 19.44
CA CYS D 23 -17.86 -6.46 20.69
C CYS D 23 -16.36 -6.35 20.91
N SER D 24 -15.55 -7.09 20.10
CA SER D 24 -14.09 -7.06 20.21
C SER D 24 -13.29 -7.31 18.92
N ILE D 25 -13.79 -6.76 17.82
CA ILE D 25 -13.15 -6.78 16.51
C ILE D 25 -12.02 -5.75 16.43
N ALA D 26 -11.01 -6.04 15.60
CA ALA D 26 -9.94 -5.12 15.28
C ALA D 26 -9.66 -5.34 13.81
N GLY D 27 -10.16 -4.38 13.06
CA GLY D 27 -10.01 -4.52 11.66
C GLY D 27 -11.23 -4.10 10.88
N ASN D 28 -11.63 -5.02 10.02
CA ASN D 28 -12.74 -4.79 9.12
C ASN D 28 -13.75 -5.95 9.05
N ILE D 29 -14.99 -5.57 8.82
CA ILE D 29 -16.08 -6.49 8.71
C ILE D 29 -15.97 -7.21 7.37
N CYS D 30 -16.03 -8.58 7.34
CA CYS D 30 -15.99 -9.41 6.12
C CYS D 30 -17.18 -9.22 5.21
N ASP D 31 -18.31 -8.97 5.84
CA ASP D 31 -19.50 -8.84 5.07
C ASP D 31 -19.38 -7.77 4.01
N CYS D 32 -18.51 -6.81 4.35
CA CYS D 32 -18.26 -5.62 3.57
C CYS D 32 -17.29 -5.74 2.39
N SER D 33 -16.78 -6.94 2.16
CA SER D 33 -15.86 -7.11 1.04
C SER D 33 -16.00 -8.50 0.47
N ALA D 34 -17.25 -8.98 0.36
CA ALA D 34 -17.61 -10.25 -0.24
C ALA D 34 -17.69 -11.44 0.65
N GLY D 35 -17.51 -11.27 1.93
CA GLY D 35 -17.64 -12.38 2.83
C GLY D 35 -19.06 -12.38 3.38
N SER D 36 -19.18 -12.87 4.58
CA SER D 36 -20.42 -12.88 5.28
C SER D 36 -20.08 -12.75 6.76
N LEU D 37 -21.10 -12.63 7.58
CA LEU D 37 -20.90 -12.49 9.01
C LEU D 37 -20.00 -13.59 9.60
N THR D 38 -20.01 -14.79 9.01
CA THR D 38 -19.21 -15.89 9.55
C THR D 38 -18.40 -16.61 8.50
N SER D 39 -18.51 -16.17 7.25
CA SER D 39 -17.75 -16.72 6.12
C SER D 39 -16.75 -15.73 5.52
N CYS D 40 -15.67 -16.23 4.93
CA CYS D 40 -14.65 -15.42 4.27
C CYS D 40 -14.98 -15.10 2.82
N PRO D 41 -14.42 -14.01 2.34
CA PRO D 41 -14.59 -13.59 0.96
C PRO D 41 -13.78 -14.53 0.10
N PRO D 42 -14.02 -14.52 -1.22
CA PRO D 42 -13.29 -15.42 -2.09
C PRO D 42 -11.81 -15.09 -2.21
N GLY D 43 -11.01 -16.12 -2.49
CA GLY D 43 -9.57 -16.00 -2.67
C GLY D 43 -8.77 -15.76 -1.39
N THR D 44 -9.50 -15.66 -0.30
CA THR D 44 -8.93 -15.36 0.98
C THR D 44 -8.82 -16.63 1.79
N LEU D 45 -7.94 -16.65 2.79
CA LEU D 45 -7.80 -17.83 3.62
C LEU D 45 -8.28 -17.71 5.08
N VAL D 46 -8.94 -18.78 5.59
CA VAL D 46 -9.46 -18.90 6.97
C VAL D 46 -8.41 -19.37 7.97
N ALA D 47 -8.24 -18.62 9.02
CA ALA D 47 -7.31 -19.01 10.04
C ALA D 47 -7.99 -19.99 10.94
N SER D 48 -7.18 -20.69 11.68
CA SER D 48 -7.67 -21.58 12.69
C SER D 48 -7.62 -20.78 13.98
N GLY D 49 -6.63 -19.91 14.03
CA GLY D 49 -6.41 -19.02 15.14
C GLY D 49 -7.58 -18.08 15.32
N SER D 50 -7.72 -17.54 16.52
CA SER D 50 -8.77 -16.59 16.77
C SER D 50 -8.62 -16.00 18.15
N TRQ D 51 -9.57 -15.12 18.48
CA TRQ D 51 -9.59 -14.51 19.79
C TRQ D 51 -11.00 -14.30 20.24
O TRQ D 51 -11.87 -13.92 19.47
CB TRQ D 51 -8.77 -13.21 19.89
CG TRQ D 51 -9.16 -12.27 18.82
CD1 TRQ D 51 -10.35 -11.61 18.77
NE1 TRQ D 51 -10.45 -10.90 17.60
CE2 TRQ D 51 -9.33 -11.11 16.85
CZ2 TRQ D 51 -8.97 -10.60 15.61
CH2 TRQ D 51 -7.78 -10.98 15.05
CZ3 TRQ D 51 -6.92 -11.76 15.78
CE3 TRQ D 51 -7.25 -12.26 16.98
CD2 TRQ D 51 -8.48 -11.98 17.57
O6 TRQ D 51 -7.39 -10.53 13.98
O7 TRQ D 51 -9.71 -9.80 15.04
N VAL D 52 -11.23 -14.63 21.51
CA VAL D 52 -12.55 -14.55 22.06
C VAL D 52 -12.90 -13.32 22.85
N GLY D 53 -14.20 -13.09 22.83
CA GLY D 53 -14.87 -12.02 23.54
C GLY D 53 -16.22 -12.57 23.90
N SER D 54 -16.69 -12.28 25.12
CA SER D 54 -18.02 -12.72 25.51
C SER D 54 -19.01 -11.61 25.18
N CYS D 55 -19.80 -11.80 24.14
CA CYS D 55 -20.71 -10.74 23.73
C CYS D 55 -22.19 -10.86 24.17
N TYR D 56 -22.79 -9.72 24.56
CA TYR D 56 -24.17 -9.66 24.99
C TYR D 56 -25.23 -9.47 23.89
N ASN D 57 -26.04 -10.51 23.65
CA ASN D 57 -27.10 -10.42 22.65
C ASN D 57 -28.31 -9.64 23.17
N PRO D 58 -28.64 -8.52 22.52
CA PRO D 58 -29.74 -7.70 22.95
C PRO D 58 -31.12 -8.39 22.89
N PRO D 59 -31.42 -9.08 21.77
CA PRO D 59 -32.69 -9.79 21.57
C PRO D 59 -32.88 -10.86 22.62
N ASP D 60 -32.24 -11.97 22.41
CA ASP D 60 -32.29 -12.89 23.50
C ASP D 60 -31.23 -12.34 24.42
N PRO D 61 -31.60 -12.09 25.67
CA PRO D 61 -30.68 -11.48 26.61
C PRO D 61 -29.53 -12.36 27.08
N ASN D 62 -28.82 -13.02 26.16
CA ASN D 62 -27.67 -13.80 26.59
C ASN D 62 -26.34 -13.53 25.90
N LYS D 63 -25.27 -13.73 26.68
CA LYS D 63 -23.92 -13.49 26.22
C LYS D 63 -23.39 -14.73 25.54
N TYR D 64 -22.64 -14.53 24.46
CA TYR D 64 -22.06 -15.63 23.71
C TYR D 64 -20.59 -15.37 23.46
N ILE D 65 -19.89 -16.48 23.37
CA ILE D 65 -18.48 -16.47 23.07
C ILE D 65 -18.25 -16.39 21.58
N THR D 66 -17.76 -15.23 21.15
CA THR D 66 -17.46 -14.92 19.77
C THR D 66 -16.00 -15.19 19.50
N ALA D 67 -15.72 -16.01 18.48
CA ALA D 67 -14.37 -16.40 18.07
C ALA D 67 -14.00 -15.63 16.82
N TYR D 68 -13.22 -14.61 17.00
CA TYR D 68 -12.86 -13.76 15.89
C TYR D 68 -11.70 -14.27 15.08
N ARG D 69 -12.05 -14.94 14.01
CA ARG D 69 -11.12 -15.45 13.05
C ARG D 69 -10.88 -14.48 11.90
N ASP D 70 -9.62 -14.43 11.44
CA ASP D 70 -9.26 -13.57 10.33
C ASP D 70 -9.33 -14.28 9.01
N CYS D 71 -9.57 -13.49 7.96
CA CYS D 71 -9.55 -13.95 6.58
C CYS D 71 -8.27 -13.38 5.98
N CYS D 72 -7.29 -14.25 5.73
CA CYS D 72 -5.97 -13.80 5.33
C CYS D 72 -5.57 -14.02 3.88
N GLY D 73 -4.38 -13.52 3.54
CA GLY D 73 -3.82 -13.67 2.21
C GLY D 73 -4.22 -12.54 1.27
N TYR D 74 -4.64 -11.42 1.85
CA TYR D 74 -5.07 -10.22 1.17
C TYR D 74 -4.70 -9.07 2.05
N ASN D 75 -4.64 -7.90 1.46
CA ASN D 75 -4.33 -6.65 2.12
C ASN D 75 -5.64 -6.14 2.74
N VAL D 76 -5.58 -5.30 3.80
CA VAL D 76 -6.82 -4.82 4.41
C VAL D 76 -7.83 -4.38 3.36
N SER D 77 -9.08 -4.79 3.52
CA SER D 77 -10.11 -4.42 2.58
C SER D 77 -10.33 -2.91 2.49
N GLY D 78 -10.18 -2.22 3.62
CA GLY D 78 -10.33 -0.77 3.67
C GLY D 78 -11.73 -0.23 3.90
N ARG D 79 -12.69 -1.14 3.96
CA ARG D 79 -14.12 -0.89 4.14
C ARG D 79 -14.63 -0.56 5.54
N CYS D 80 -15.53 -1.41 6.00
CA CYS D 80 -16.15 -1.27 7.31
C CYS D 80 -15.13 -1.49 8.40
N ALA D 81 -14.34 -0.47 8.72
CA ALA D 81 -13.33 -0.61 9.74
C ALA D 81 -13.88 -0.44 11.15
N CYS D 82 -13.45 -1.31 12.12
CA CYS D 82 -13.89 -1.16 13.52
C CYS D 82 -12.82 -1.63 14.50
N LEU D 83 -12.94 -1.10 15.72
CA LEU D 83 -12.03 -1.42 16.80
C LEU D 83 -12.84 -1.43 18.09
N ASN D 84 -13.24 -2.62 18.52
CA ASN D 84 -13.98 -2.81 19.76
C ASN D 84 -13.14 -3.48 20.85
N THR D 85 -13.46 -3.22 22.11
CA THR D 85 -12.61 -3.70 23.20
C THR D 85 -13.29 -4.18 24.46
N GLU D 86 -14.48 -4.75 24.32
CA GLU D 86 -15.18 -5.28 25.48
C GLU D 86 -14.49 -6.51 26.00
N GLY D 87 -13.71 -6.31 27.06
CA GLY D 87 -12.96 -7.32 27.78
C GLY D 87 -11.62 -7.74 27.17
N GLU D 88 -11.00 -6.84 26.39
CA GLU D 88 -9.76 -7.17 25.69
C GLU D 88 -8.53 -7.77 26.36
N LEU D 89 -8.14 -7.34 27.52
CA LEU D 89 -6.94 -7.99 28.06
C LEU D 89 -5.65 -7.74 27.27
N PRO D 90 -4.56 -7.51 27.99
CA PRO D 90 -3.29 -7.18 27.36
C PRO D 90 -2.58 -8.31 26.58
N VAL D 91 -1.51 -7.98 25.84
CA VAL D 91 -0.88 -8.96 24.97
C VAL D 91 -0.56 -10.27 25.61
N TYR D 92 -0.45 -10.26 26.95
CA TYR D 92 -0.35 -11.50 27.68
C TYR D 92 -1.67 -12.28 27.56
N ASN D 93 -1.82 -12.54 26.26
CA ASN D 93 -2.71 -13.34 25.50
C ASN D 93 -4.20 -13.28 25.47
N LYS D 94 -4.59 -14.05 24.41
CA LYS D 94 -5.86 -14.60 23.94
C LYS D 94 -7.19 -13.89 24.01
N ASP D 95 -7.31 -12.84 24.77
CA ASP D 95 -8.56 -12.11 24.83
C ASP D 95 -8.27 -10.81 24.07
N ALA D 96 -6.98 -10.73 23.72
CA ALA D 96 -6.26 -9.63 23.08
C ALA D 96 -6.45 -9.50 21.56
N ASN D 97 -6.82 -8.31 21.11
CA ASN D 97 -7.13 -8.09 19.71
C ASN D 97 -6.21 -7.31 18.79
N ASP D 98 -4.98 -7.05 19.19
CA ASP D 98 -4.09 -6.34 18.31
C ASP D 98 -3.33 -7.34 17.46
N ILE D 99 -3.37 -8.58 17.92
CA ILE D 99 -2.67 -9.66 17.29
C ILE D 99 -3.36 -10.07 16.01
N ILE D 100 -2.62 -10.29 14.93
CA ILE D 100 -3.30 -10.77 13.75
C ILE D 100 -3.46 -12.30 13.80
N TRP D 101 -4.60 -12.73 14.30
CA TRP D 101 -4.81 -14.13 14.39
C TRP D 101 -5.00 -14.67 13.00
N CYS D 102 -3.99 -15.31 12.44
CA CYS D 102 -4.08 -15.83 11.07
C CYS D 102 -3.49 -17.22 10.89
N PHE D 103 -3.11 -17.86 11.99
CA PHE D 103 -2.50 -19.15 11.95
C PHE D 103 -3.41 -20.22 11.33
N GLY D 104 -3.23 -20.49 10.02
CA GLY D 104 -3.98 -21.44 9.16
C GLY D 104 -4.17 -20.83 7.73
N GLY D 105 -3.92 -21.59 6.64
CA GLY D 105 -4.11 -21.03 5.31
C GLY D 105 -3.40 -21.74 4.16
N GLU D 106 -2.63 -20.93 3.49
CA GLU D 106 -1.74 -21.27 2.41
C GLU D 106 -0.35 -21.07 2.97
N ASP D 107 -0.35 -20.11 3.88
CA ASP D 107 0.72 -19.53 4.63
C ASP D 107 0.36 -18.09 4.94
N GLY D 108 -0.94 -17.86 4.71
CA GLY D 108 -1.60 -16.58 4.86
C GLY D 108 -1.43 -16.01 6.25
N MET D 109 -0.73 -14.86 6.31
CA MET D 109 -0.50 -14.13 7.55
C MET D 109 -0.89 -12.67 7.43
N THR D 110 -1.35 -12.29 6.27
CA THR D 110 -1.79 -10.92 6.05
C THR D 110 -3.23 -10.66 6.44
N TYR D 111 -3.47 -9.57 7.17
CA TYR D 111 -4.84 -9.29 7.58
C TYR D 111 -5.70 -8.65 6.51
N HIS D 112 -6.79 -9.34 6.16
CA HIS D 112 -7.76 -8.82 5.24
C HIS D 112 -9.08 -8.47 5.89
N CYS D 113 -9.43 -9.31 6.88
CA CYS D 113 -10.78 -9.39 7.42
C CYS D 113 -10.98 -10.14 8.74
N SER D 114 -12.04 -9.83 9.49
CA SER D 114 -12.37 -10.58 10.70
C SER D 114 -13.86 -10.91 10.65
N ILE D 115 -14.11 -12.19 10.89
CA ILE D 115 -15.39 -12.89 10.89
C ILE D 115 -15.89 -12.84 12.33
N SER D 116 -17.19 -13.05 12.60
CA SER D 116 -17.73 -12.97 13.96
C SER D 116 -18.67 -14.14 14.31
N PRO D 117 -18.13 -15.35 14.24
CA PRO D 117 -18.88 -16.58 14.49
C PRO D 117 -19.12 -16.89 15.96
N VAL D 118 -20.37 -17.28 16.28
CA VAL D 118 -20.69 -17.62 17.67
C VAL D 118 -20.27 -19.05 17.95
N SER D 119 -19.24 -19.24 18.77
CA SER D 119 -18.77 -20.59 19.00
C SER D 119 -19.27 -21.27 20.28
N GLY D 120 -20.19 -20.62 20.99
CA GLY D 120 -20.67 -21.20 22.23
C GLY D 120 -21.22 -20.16 23.19
N ALA D 121 -21.81 -20.64 24.30
CA ALA D 121 -22.38 -19.83 25.39
C ALA D 121 -21.38 -19.25 26.42
N ALA E 1 32.72 0.25 -19.66
CA ALA E 1 32.25 -0.35 -20.89
C ALA E 1 33.28 -0.26 -22.00
N THR E 2 32.87 -0.47 -23.22
CA THR E 2 33.90 -0.37 -24.22
C THR E 2 33.33 0.11 -25.51
N ILE E 3 34.05 1.02 -26.17
CA ILE E 3 33.54 1.57 -27.41
C ILE E 3 32.40 2.56 -27.27
N PRO E 4 32.70 3.87 -27.22
CA PRO E 4 34.02 4.37 -27.08
C PRO E 4 34.02 5.67 -26.32
N SER E 5 35.24 6.18 -26.14
CA SER E 5 35.62 7.38 -25.38
C SER E 5 34.56 8.39 -24.94
N GLU E 6 34.90 9.09 -23.87
CA GLU E 6 34.07 10.14 -23.29
C GLU E 6 34.15 11.58 -23.68
N SER E 7 35.10 12.31 -23.09
CA SER E 7 35.20 13.76 -23.29
C SER E 7 34.13 14.45 -22.45
N PRO E 8 33.77 15.71 -22.81
CA PRO E 8 32.74 16.53 -22.15
C PRO E 8 31.24 16.51 -22.47
N PHE E 9 30.59 17.33 -21.61
CA PHE E 9 29.17 17.36 -21.31
C PHE E 9 28.43 18.66 -21.05
N ALA E 10 28.10 19.36 -22.12
CA ALA E 10 27.29 20.54 -22.14
C ALA E 10 28.11 21.75 -21.80
N ALA E 11 28.11 22.58 -22.80
CA ALA E 11 28.95 23.72 -22.97
C ALA E 11 28.64 23.85 -24.42
N ALA E 12 29.27 24.66 -25.24
CA ALA E 12 28.70 24.46 -26.56
C ALA E 12 29.49 24.84 -27.76
N GLU E 13 30.77 24.85 -27.67
CA GLU E 13 31.43 25.27 -28.87
C GLU E 13 32.05 24.18 -29.65
N VAL E 14 31.75 24.31 -30.92
CA VAL E 14 32.27 23.53 -32.00
C VAL E 14 33.78 23.57 -31.83
N ALA E 15 34.40 23.94 -32.87
CA ALA E 15 35.80 23.99 -32.90
C ALA E 15 35.95 24.22 -34.34
N ASP E 16 37.00 23.64 -34.75
CA ASP E 16 37.24 23.61 -36.13
C ASP E 16 36.25 22.63 -36.70
N GLY E 17 36.72 21.41 -36.79
CA GLY E 17 35.99 20.33 -37.38
C GLY E 17 34.55 20.29 -36.99
N ALA E 18 33.75 19.99 -38.00
CA ALA E 18 32.35 19.85 -37.72
C ALA E 18 32.24 18.65 -36.84
N ILE E 19 31.28 17.88 -37.31
CA ILE E 19 30.92 16.59 -36.79
C ILE E 19 29.80 16.73 -35.83
N VAL E 20 28.61 16.82 -36.33
CA VAL E 20 27.70 16.92 -35.27
C VAL E 20 26.30 16.48 -35.48
N VAL E 21 25.96 15.35 -34.86
CA VAL E 21 24.57 14.95 -34.72
C VAL E 21 24.05 16.22 -34.03
N ASP E 22 22.87 16.58 -34.26
CA ASP E 22 22.53 17.89 -33.84
C ASP E 22 21.25 17.85 -33.03
N ILE E 23 20.20 18.51 -33.52
CA ILE E 23 18.89 18.51 -32.89
C ILE E 23 17.92 19.63 -33.23
N ALA E 24 16.63 19.35 -33.18
CA ALA E 24 15.63 20.38 -33.42
C ALA E 24 14.48 19.55 -33.80
N LYS E 25 13.33 20.19 -34.13
CA LYS E 25 12.20 19.45 -34.64
C LYS E 25 12.10 18.08 -34.01
N MET E 26 12.54 18.04 -32.76
CA MET E 26 12.69 16.82 -32.02
C MET E 26 13.31 15.70 -32.80
N LYS E 27 14.49 15.81 -33.39
CA LYS E 27 14.93 14.57 -34.00
C LYS E 27 16.30 14.66 -34.55
N TYR E 28 17.33 14.25 -33.82
CA TYR E 28 18.70 14.37 -34.34
C TYR E 28 18.73 14.51 -35.85
N GLU E 29 18.99 15.73 -36.30
CA GLU E 29 19.00 15.98 -37.72
C GLU E 29 19.97 15.00 -38.37
N THR E 30 19.90 14.78 -39.70
CA THR E 30 20.79 13.82 -40.41
C THR E 30 21.07 12.58 -39.53
N PRO E 31 19.96 11.98 -39.04
CA PRO E 31 19.92 10.86 -38.08
C PRO E 31 20.72 9.65 -38.48
N GLU E 32 20.35 9.09 -39.59
CA GLU E 32 21.16 8.00 -40.03
C GLU E 32 22.37 8.65 -40.67
N LEU E 33 23.54 8.44 -40.09
CA LEU E 33 24.73 9.04 -40.63
C LEU E 33 25.96 8.19 -40.35
N HIS E 34 26.86 8.22 -41.34
CA HIS E 34 28.06 7.44 -41.26
C HIS E 34 29.29 8.26 -40.89
N VAL E 35 30.26 7.58 -40.29
CA VAL E 35 31.50 8.22 -39.91
C VAL E 35 32.57 7.15 -39.72
N LYS E 36 33.81 7.60 -39.77
CA LYS E 36 34.95 6.72 -39.65
C LYS E 36 35.29 6.50 -38.21
N VAL E 37 36.05 5.45 -37.97
CA VAL E 37 36.40 5.16 -36.59
C VAL E 37 37.26 6.27 -36.01
N GLY E 38 37.77 6.04 -34.79
CA GLY E 38 38.56 7.00 -34.05
C GLY E 38 37.93 8.35 -34.29
N ASP E 39 36.93 8.71 -33.51
CA ASP E 39 36.15 9.87 -33.80
C ASP E 39 35.56 10.45 -32.58
N THR E 40 34.57 11.33 -32.66
CA THR E 40 33.89 12.03 -31.57
C THR E 40 32.85 12.93 -32.22
N VAL E 41 31.56 12.54 -32.22
CA VAL E 41 30.50 13.36 -32.81
C VAL E 41 29.83 14.25 -31.79
N THR E 42 29.59 15.49 -32.15
CA THR E 42 28.95 16.34 -31.19
C THR E 42 27.45 16.43 -31.35
N TRP E 43 26.76 16.14 -30.25
CA TRP E 43 25.34 16.33 -30.17
C TRP E 43 25.13 17.61 -29.43
N ILE E 44 24.08 18.36 -29.75
CA ILE E 44 23.90 19.63 -29.10
C ILE E 44 22.47 20.13 -29.18
N ASN E 45 21.85 20.39 -28.01
CA ASN E 45 20.45 20.78 -27.99
C ASN E 45 20.25 22.15 -28.62
N ARG E 46 19.55 22.14 -29.73
CA ARG E 46 19.26 23.34 -30.44
C ARG E 46 17.87 23.76 -30.00
N GLU E 47 17.21 22.79 -29.33
CA GLU E 47 15.84 22.91 -28.86
C GLU E 47 15.44 23.63 -27.62
N ALA E 48 14.17 23.94 -27.80
CA ALA E 48 13.22 24.47 -26.87
C ALA E 48 12.55 23.23 -26.28
N MET E 49 13.43 22.37 -25.75
CA MET E 49 13.13 21.10 -25.10
C MET E 49 14.38 20.26 -24.93
N PRO E 50 14.79 20.00 -23.70
CA PRO E 50 16.01 19.23 -23.54
C PRO E 50 15.94 17.81 -24.05
N HIS E 51 17.10 17.20 -24.11
CA HIS E 51 17.24 15.84 -24.59
C HIS E 51 18.56 15.24 -24.24
N ASN E 52 18.68 13.99 -24.59
CA ASN E 52 19.89 13.27 -24.34
C ASN E 52 20.08 12.31 -25.45
N VAL E 53 21.23 11.68 -25.41
CA VAL E 53 21.51 10.65 -26.37
C VAL E 53 21.94 9.38 -25.69
N HIS E 54 20.96 8.51 -25.57
CA HIS E 54 21.10 7.21 -24.97
C HIS E 54 20.98 6.10 -25.97
N PHE E 55 22.04 5.31 -26.06
CA PHE E 55 22.04 4.22 -26.99
C PHE E 55 21.07 3.22 -26.46
N VAL E 56 21.58 2.03 -26.19
CA VAL E 56 20.80 0.99 -25.55
C VAL E 56 21.74 0.46 -24.54
N ALA E 57 22.05 -0.80 -24.57
CA ALA E 57 22.91 -1.27 -23.54
C ALA E 57 23.29 -2.71 -23.75
N GLY E 58 23.80 -2.96 -24.92
CA GLY E 58 24.29 -4.24 -25.35
C GLY E 58 25.07 -3.85 -26.57
N VAL E 59 25.13 -2.54 -26.71
CA VAL E 59 25.81 -1.98 -27.83
C VAL E 59 26.48 -0.71 -27.36
N LEU E 60 27.81 -0.80 -27.43
CA LEU E 60 28.79 0.19 -27.02
C LEU E 60 29.55 -0.36 -25.79
N GLY E 61 29.43 -1.69 -25.47
CA GLY E 61 30.20 -2.32 -24.35
C GLY E 61 29.33 -2.96 -23.26
N GLU E 62 29.66 -2.61 -22.02
CA GLU E 62 28.83 -2.93 -20.88
C GLU E 62 28.08 -1.64 -20.60
N ALA E 63 27.38 -1.51 -19.46
CA ALA E 63 26.68 -0.27 -19.20
C ALA E 63 25.84 -0.01 -20.42
N ALA E 64 25.93 1.24 -20.83
CA ALA E 64 25.22 1.70 -21.99
C ALA E 64 25.14 3.18 -21.84
N LEU E 65 26.13 3.96 -22.31
CA LEU E 65 26.08 5.40 -22.09
C LEU E 65 24.66 5.95 -22.15
N LYS E 66 24.35 6.75 -21.17
CA LYS E 66 23.05 7.35 -21.15
C LYS E 66 23.09 8.59 -21.99
N GLY E 67 23.97 9.44 -21.52
CA GLY E 67 24.16 10.79 -21.93
C GLY E 67 23.05 11.53 -21.19
N PRO E 68 23.26 12.81 -20.99
CA PRO E 68 22.33 13.72 -20.37
C PRO E 68 21.73 14.66 -21.37
N MET E 69 21.48 15.88 -20.89
CA MET E 69 20.72 16.86 -21.63
C MET E 69 20.83 18.23 -21.11
N MET E 70 20.21 19.23 -21.82
CA MET E 70 20.07 20.57 -21.23
C MET E 70 20.03 21.77 -22.10
N LYS E 71 19.12 21.79 -23.09
CA LYS E 71 18.90 22.93 -23.97
C LYS E 71 20.04 23.92 -23.98
N LYS E 72 19.75 25.22 -23.93
CA LYS E 72 20.82 26.18 -23.77
C LYS E 72 21.96 26.00 -24.73
N GLU E 73 21.66 25.23 -25.76
CA GLU E 73 22.60 24.77 -26.74
C GLU E 73 23.11 23.52 -26.10
N GLN E 74 24.01 23.65 -25.12
CA GLN E 74 24.53 22.48 -24.42
C GLN E 74 25.01 21.38 -25.34
N ALA E 75 26.15 20.80 -24.99
CA ALA E 75 26.73 19.81 -25.87
C ALA E 75 27.29 18.56 -25.20
N TYR E 76 27.27 17.45 -25.93
CA TYR E 76 27.84 16.19 -25.48
C TYR E 76 28.42 15.50 -26.68
N SER E 77 29.71 15.28 -26.58
CA SER E 77 30.44 14.66 -27.67
C SER E 77 30.88 13.26 -27.32
N LEU E 78 30.81 12.32 -28.27
CA LEU E 78 31.35 10.98 -28.03
C LEU E 78 32.06 10.42 -29.22
N THR E 79 33.26 10.01 -28.89
CA THR E 79 34.23 9.47 -29.80
C THR E 79 34.20 7.99 -29.97
N PHE E 80 34.72 7.48 -31.09
CA PHE E 80 34.64 6.04 -31.25
C PHE E 80 35.82 5.26 -31.75
N THR E 81 35.85 3.98 -31.36
CA THR E 81 36.88 3.07 -31.84
C THR E 81 36.44 1.99 -32.87
N GLU E 82 35.73 0.93 -32.42
CA GLU E 82 35.29 -0.21 -33.25
C GLU E 82 34.20 0.07 -34.27
N ALA E 83 34.12 -0.81 -35.29
CA ALA E 83 33.15 -0.71 -36.38
C ALA E 83 31.81 -1.39 -36.10
N GLY E 84 30.76 -0.94 -36.80
CA GLY E 84 29.45 -1.52 -36.65
C GLY E 84 28.37 -0.46 -36.73
N THR E 85 27.14 -0.84 -36.44
CA THR E 85 26.13 0.18 -36.47
C THR E 85 25.35 0.32 -35.19
N TYR E 86 25.52 1.52 -34.66
CA TYR E 86 24.96 1.97 -33.41
C TYR E 86 23.59 2.57 -33.60
N ASP E 87 22.80 2.33 -32.58
CA ASP E 87 21.45 2.80 -32.59
C ASP E 87 21.24 3.44 -31.25
N TYR E 88 20.92 4.75 -31.28
CA TYR E 88 20.68 5.54 -30.06
C TYR E 88 19.31 6.19 -30.11
N HIS E 89 18.90 6.76 -28.97
CA HIS E 89 17.58 7.38 -28.85
C HIS E 89 17.60 8.38 -27.74
N CYS E 90 16.55 9.21 -27.76
CA CYS E 90 16.34 10.24 -26.74
C CYS E 90 15.43 9.64 -25.71
N THR E 91 15.92 9.49 -24.49
CA THR E 91 15.07 8.88 -23.50
C THR E 91 13.65 9.41 -23.22
N PRO E 92 13.51 10.67 -22.84
CA PRO E 92 12.20 11.24 -22.52
C PRO E 92 11.12 11.04 -23.58
N HIS E 93 11.57 10.55 -24.72
CA HIS E 93 10.72 10.33 -25.86
C HIS E 93 11.57 9.36 -26.65
N PRO E 94 11.44 8.07 -26.35
CA PRO E 94 12.23 7.03 -27.00
C PRO E 94 12.08 7.08 -28.51
N PHE E 95 11.20 7.94 -28.95
CA PHE E 95 10.92 8.06 -30.37
C PHE E 95 11.98 8.58 -31.30
N MET E 96 12.37 9.85 -31.22
CA MET E 96 13.40 10.23 -32.14
C MET E 96 14.58 9.40 -31.76
N ARG E 97 14.95 8.69 -32.78
CA ARG E 97 16.01 7.77 -32.68
C ARG E 97 16.90 8.07 -33.85
N GLY E 98 18.13 7.62 -33.70
CA GLY E 98 19.19 7.80 -34.66
C GLY E 98 20.04 6.53 -34.74
N LYS E 99 20.78 6.39 -35.82
CA LYS E 99 21.62 5.23 -36.04
C LYS E 99 22.88 5.61 -36.77
N VAL E 100 23.97 5.33 -36.09
CA VAL E 100 25.26 5.62 -36.65
C VAL E 100 26.03 4.39 -37.14
N VAL E 101 26.65 4.53 -38.32
CA VAL E 101 27.47 3.49 -38.93
C VAL E 101 28.95 3.83 -38.91
N VAL E 102 29.72 3.15 -38.07
CA VAL E 102 31.16 3.39 -38.02
C VAL E 102 31.89 2.51 -39.05
N GLU E 103 32.35 3.11 -40.15
CA GLU E 103 32.99 2.39 -41.28
C GLU E 103 34.52 2.46 -41.40
N ALA F 1 2.00 -37.85 5.87
CA ALA F 1 3.18 -37.86 6.73
C ALA F 1 3.35 -39.20 7.41
N THR F 2 4.11 -39.28 8.47
CA THR F 2 4.20 -40.62 9.06
C THR F 2 4.28 -40.57 10.56
N ILE F 3 3.56 -41.44 11.21
CA ILE F 3 3.54 -41.51 12.67
C ILE F 3 2.74 -40.36 13.31
N PRO F 4 1.46 -40.61 13.67
CA PRO F 4 0.75 -41.80 13.31
C PRO F 4 -0.73 -41.52 13.16
N SER F 5 -1.45 -42.58 12.82
CA SER F 5 -2.87 -42.67 12.49
C SER F 5 -3.83 -41.55 12.84
N GLU F 6 -4.86 -41.42 11.99
CA GLU F 6 -5.89 -40.41 12.19
C GLU F 6 -7.12 -40.60 12.97
N SER F 7 -8.10 -41.38 12.43
CA SER F 7 -9.37 -41.51 13.16
C SER F 7 -10.20 -40.18 13.09
N PRO F 8 -11.19 -39.93 13.98
CA PRO F 8 -11.96 -38.69 14.08
C PRO F 8 -11.63 -37.42 14.75
N PHE F 9 -12.69 -36.57 14.59
CA PHE F 9 -12.63 -35.14 14.80
C PHE F 9 -13.79 -34.33 15.35
N ALA F 10 -13.99 -34.32 16.66
CA ALA F 10 -15.03 -33.55 17.32
C ALA F 10 -16.33 -34.29 17.24
N ALA F 11 -16.73 -34.64 18.44
CA ALA F 11 -17.86 -35.49 18.72
C ALA F 11 -17.44 -35.74 20.13
N ALA F 12 -18.06 -36.56 20.94
CA ALA F 12 -17.35 -36.53 22.19
C ALA F 12 -17.33 -37.72 23.13
N GLU F 13 -17.56 -38.92 22.62
CA GLU F 13 -17.61 -39.99 23.58
C GLU F 13 -16.44 -40.88 23.62
N VAL F 14 -15.99 -40.99 24.85
CA VAL F 14 -14.97 -41.87 25.30
C VAL F 14 -15.27 -43.21 24.70
N ALA F 15 -15.41 -44.14 25.54
CA ALA F 15 -15.60 -45.46 25.13
C ALA F 15 -15.37 -46.14 26.41
N ASP F 16 -14.81 -47.27 26.19
CA ASP F 16 -14.35 -48.02 27.27
C ASP F 16 -13.10 -47.35 27.74
N GLY F 17 -11.99 -47.81 27.15
CA GLY F 17 -10.66 -47.37 27.48
C GLY F 17 -10.57 -45.86 27.64
N ALA F 18 -9.85 -45.46 28.70
CA ALA F 18 -9.61 -44.05 28.88
C ALA F 18 -8.75 -43.63 27.71
N ILE F 19 -7.79 -42.84 28.14
CA ILE F 19 -6.73 -42.27 27.35
C ILE F 19 -7.10 -40.90 26.91
N VAL F 20 -6.72 -40.05 27.79
CA VAL F 20 -7.21 -38.76 27.49
C VAL F 20 -6.57 -37.69 28.29
N VAL F 21 -6.78 -36.54 27.73
CA VAL F 21 -6.38 -35.28 28.26
C VAL F 21 -7.48 -34.36 27.80
N ASP F 22 -7.77 -33.44 28.70
CA ASP F 22 -8.81 -32.46 28.45
C ASP F 22 -8.41 -31.16 29.09
N ILE F 23 -8.88 -30.13 28.42
CA ILE F 23 -8.80 -28.72 28.68
C ILE F 23 -8.47 -28.36 30.12
N ALA F 24 -9.02 -27.22 30.50
CA ALA F 24 -9.10 -26.61 31.78
C ALA F 24 -7.91 -25.78 31.91
N LYS F 25 -8.17 -24.51 32.26
CA LYS F 25 -7.16 -23.46 32.43
C LYS F 25 -6.18 -23.64 31.34
N MET F 26 -6.07 -22.65 30.49
CA MET F 26 -5.26 -22.75 29.31
C MET F 26 -4.04 -23.66 29.54
N LYS F 27 -4.36 -24.98 29.47
CA LYS F 27 -3.39 -26.04 29.66
C LYS F 27 -3.98 -27.43 29.53
N TYR F 28 -3.27 -28.26 28.74
CA TYR F 28 -3.65 -29.64 28.56
C TYR F 28 -3.44 -30.31 29.91
N GLU F 29 -4.44 -30.98 30.46
CA GLU F 29 -4.19 -31.65 31.74
C GLU F 29 -3.10 -32.70 31.56
N THR F 30 -2.52 -33.26 32.66
CA THR F 30 -1.51 -34.37 32.63
C THR F 30 -0.62 -34.37 31.37
N PRO F 31 -0.24 -33.13 31.00
CA PRO F 31 0.48 -32.71 29.80
C PRO F 31 1.60 -33.60 29.27
N GLU F 32 2.69 -33.68 30.07
CA GLU F 32 3.77 -34.60 29.73
C GLU F 32 3.27 -35.97 30.10
N LEU F 33 2.97 -36.79 29.09
CA LEU F 33 2.41 -38.09 29.42
C LEU F 33 2.94 -39.16 28.51
N HIS F 34 3.18 -40.35 29.11
CA HIS F 34 3.74 -41.47 28.37
C HIS F 34 2.72 -42.45 27.90
N VAL F 35 3.02 -43.12 26.81
CA VAL F 35 2.06 -44.10 26.34
C VAL F 35 2.80 -45.11 25.47
N LYS F 36 2.25 -46.31 25.27
CA LYS F 36 2.89 -47.28 24.40
C LYS F 36 2.57 -47.06 22.94
N VAL F 37 3.39 -47.60 22.04
CA VAL F 37 3.08 -47.38 20.65
C VAL F 37 1.76 -48.07 20.34
N GLY F 38 0.85 -47.39 19.65
CA GLY F 38 -0.41 -48.05 19.38
C GLY F 38 -1.54 -47.72 20.35
N ASP F 39 -1.23 -46.99 21.44
CA ASP F 39 -2.25 -46.51 22.36
C ASP F 39 -2.93 -45.29 21.73
N THR F 40 -4.23 -45.14 21.89
CA THR F 40 -4.95 -43.99 21.37
C THR F 40 -4.79 -42.93 22.41
N VAL F 41 -4.99 -41.66 22.05
CA VAL F 41 -4.97 -40.48 22.90
C VAL F 41 -6.08 -39.57 22.46
N THR F 42 -7.09 -39.49 23.29
CA THR F 42 -8.18 -38.61 23.02
C THR F 42 -8.10 -37.31 23.77
N TRP F 43 -8.07 -36.23 23.03
CA TRP F 43 -8.11 -34.91 23.60
C TRP F 43 -9.57 -34.53 23.64
N ILE F 44 -10.02 -33.95 24.76
CA ILE F 44 -11.43 -33.56 24.79
C ILE F 44 -11.65 -32.13 25.22
N ASN F 45 -12.34 -31.29 24.41
CA ASN F 45 -12.47 -29.92 24.89
C ASN F 45 -13.37 -29.87 26.12
N ARG F 46 -12.81 -29.35 27.15
CA ARG F 46 -13.51 -29.25 28.37
C ARG F 46 -13.79 -27.76 28.66
N GLU F 47 -13.20 -26.92 27.81
CA GLU F 47 -13.33 -25.49 27.94
C GLU F 47 -14.37 -24.71 27.18
N ALA F 48 -14.52 -23.56 27.79
CA ALA F 48 -15.31 -22.46 27.30
C ALA F 48 -14.36 -21.56 26.51
N MET F 49 -13.61 -22.20 25.64
CA MET F 49 -12.70 -21.53 24.76
C MET F 49 -12.07 -22.64 23.97
N PRO F 50 -12.26 -22.61 22.67
CA PRO F 50 -11.82 -23.70 21.84
C PRO F 50 -10.32 -23.87 21.70
N HIS F 51 -9.94 -25.06 21.27
CA HIS F 51 -8.55 -25.40 21.11
C HIS F 51 -8.34 -26.49 20.09
N ASN F 52 -7.06 -26.73 19.90
CA ASN F 52 -6.64 -27.68 18.92
C ASN F 52 -5.40 -28.32 19.43
N VAL F 53 -4.90 -29.22 18.66
CA VAL F 53 -3.68 -29.85 19.04
C VAL F 53 -2.86 -30.03 17.76
N HIS F 54 -1.82 -29.22 17.74
CA HIS F 54 -0.95 -29.11 16.60
C HIS F 54 0.44 -29.24 17.08
N PHE F 55 1.05 -30.32 16.66
CA PHE F 55 2.41 -30.53 17.01
C PHE F 55 3.16 -29.34 16.41
N VAL F 56 4.12 -29.67 15.60
CA VAL F 56 4.87 -28.71 14.83
C VAL F 56 4.98 -29.39 13.50
N ALA F 57 6.13 -29.48 12.91
CA ALA F 57 6.12 -30.12 11.62
C ALA F 57 7.47 -30.61 11.15
N GLY F 58 8.06 -31.46 11.93
CA GLY F 58 9.29 -32.08 11.58
C GLY F 58 9.23 -33.30 12.45
N VAL F 59 8.09 -33.33 13.13
CA VAL F 59 7.83 -34.34 14.13
C VAL F 59 6.41 -34.83 13.96
N LEU F 60 6.36 -36.06 13.47
CA LEU F 60 5.14 -36.77 13.11
C LEU F 60 5.16 -37.19 11.65
N GLY F 61 6.22 -36.84 10.89
CA GLY F 61 6.40 -37.15 9.47
C GLY F 61 6.65 -35.85 8.69
N GLU F 62 6.08 -35.73 7.49
CA GLU F 62 6.11 -34.48 6.79
C GLU F 62 4.86 -33.73 7.23
N ALA F 63 4.49 -32.67 6.53
CA ALA F 63 3.32 -31.95 6.94
C ALA F 63 3.54 -31.58 8.39
N ALA F 64 2.53 -31.88 9.16
CA ALA F 64 2.52 -31.60 10.56
C ALA F 64 1.08 -31.57 10.89
N LEU F 65 0.52 -32.63 11.45
CA LEU F 65 -0.90 -32.54 11.71
C LEU F 65 -1.27 -31.32 12.54
N LYS F 66 -2.13 -30.47 11.99
CA LYS F 66 -2.64 -29.47 12.87
C LYS F 66 -3.95 -30.05 13.38
N GLY F 67 -4.24 -29.82 14.63
CA GLY F 67 -5.46 -30.34 15.19
C GLY F 67 -6.51 -29.28 14.99
N PRO F 68 -7.74 -29.73 14.79
CA PRO F 68 -8.77 -28.78 14.52
C PRO F 68 -9.26 -27.97 15.67
N MET F 69 -10.42 -28.30 16.12
CA MET F 69 -10.96 -27.38 17.08
C MET F 69 -12.16 -27.85 17.75
N MET F 70 -12.30 -27.28 18.91
CA MET F 70 -13.44 -27.65 19.65
C MET F 70 -13.66 -27.00 20.95
N LYS F 71 -14.93 -26.73 21.12
CA LYS F 71 -15.52 -26.21 22.32
C LYS F 71 -15.99 -27.33 23.18
N LYS F 72 -16.97 -26.93 23.98
CA LYS F 72 -17.72 -27.72 24.92
C LYS F 72 -17.75 -29.15 24.45
N GLU F 73 -16.83 -29.90 25.04
CA GLU F 73 -16.65 -31.30 24.76
C GLU F 73 -15.91 -31.68 23.50
N GLN F 74 -16.50 -31.72 22.27
CA GLN F 74 -15.81 -32.08 21.00
C GLN F 74 -14.46 -32.85 21.15
N ALA F 75 -14.05 -33.73 20.27
CA ALA F 75 -12.75 -34.32 20.60
C ALA F 75 -11.93 -34.70 19.39
N TYR F 76 -10.66 -35.04 19.61
CA TYR F 76 -9.75 -35.40 18.54
C TYR F 76 -8.87 -36.50 19.08
N SER F 77 -8.77 -37.60 18.36
CA SER F 77 -7.93 -38.68 18.84
C SER F 77 -6.76 -38.90 17.90
N LEU F 78 -5.63 -39.24 18.47
CA LEU F 78 -4.50 -39.49 17.61
C LEU F 78 -3.84 -40.78 18.08
N THR F 79 -3.70 -41.71 17.15
CA THR F 79 -3.04 -42.99 17.43
C THR F 79 -1.61 -43.02 16.94
N PHE F 80 -0.79 -43.87 17.50
CA PHE F 80 0.62 -43.82 17.18
C PHE F 80 1.40 -45.08 16.94
N THR F 81 2.32 -45.00 15.96
CA THR F 81 3.16 -46.12 15.55
C THR F 81 4.61 -46.19 16.10
N GLU F 82 5.55 -45.29 15.70
CA GLU F 82 6.97 -45.23 16.11
C GLU F 82 7.22 -44.65 17.53
N ALA F 83 8.35 -44.98 18.14
CA ALA F 83 8.71 -44.41 19.45
C ALA F 83 9.49 -43.12 19.37
N GLY F 84 9.41 -42.33 20.46
CA GLY F 84 10.11 -41.06 20.57
C GLY F 84 9.29 -40.10 21.38
N THR F 85 9.76 -38.89 21.53
CA THR F 85 9.01 -37.88 22.21
C THR F 85 8.51 -36.73 21.34
N TYR F 86 7.20 -36.55 21.36
CA TYR F 86 6.44 -35.61 20.59
C TYR F 86 5.93 -34.49 21.43
N ASP F 87 6.16 -33.30 20.89
CA ASP F 87 5.79 -32.06 21.51
C ASP F 87 4.64 -31.46 20.69
N TYR F 88 3.59 -30.99 21.37
CA TYR F 88 2.47 -30.42 20.65
C TYR F 88 2.09 -29.15 21.36
N HIS F 89 1.18 -28.39 20.75
CA HIS F 89 0.78 -27.12 21.29
C HIS F 89 -0.55 -26.68 20.72
N CYS F 90 -1.21 -25.78 21.45
CA CYS F 90 -2.48 -25.21 21.03
C CYS F 90 -2.19 -23.97 20.24
N THR F 91 -2.47 -23.96 18.95
CA THR F 91 -2.13 -22.75 18.21
C THR F 91 -2.56 -21.38 18.69
N PRO F 92 -3.83 -21.18 18.92
CA PRO F 92 -4.33 -19.86 19.28
C PRO F 92 -3.64 -19.22 20.47
N HIS F 93 -2.80 -20.02 21.10
CA HIS F 93 -2.06 -19.69 22.26
C HIS F 93 -0.98 -20.75 22.25
N PRO F 94 0.11 -20.51 21.49
CA PRO F 94 1.19 -21.46 21.36
C PRO F 94 1.77 -21.88 22.69
N PHE F 95 1.19 -21.31 23.75
CA PHE F 95 1.61 -21.49 25.12
C PHE F 95 1.25 -22.77 25.82
N MET F 96 -0.02 -23.14 25.89
CA MET F 96 -0.24 -24.38 26.53
C MET F 96 0.41 -25.32 25.55
N ARG F 97 1.32 -26.05 26.10
CA ARG F 97 2.04 -26.96 25.30
C ARG F 97 2.31 -28.15 26.15
N GLY F 98 2.56 -29.24 25.49
CA GLY F 98 2.76 -30.50 26.16
C GLY F 98 3.58 -31.41 25.26
N LYS F 99 3.85 -32.56 25.83
CA LYS F 99 4.73 -33.53 25.27
C LYS F 99 4.27 -34.95 25.59
N VAL F 100 4.35 -35.78 24.56
CA VAL F 100 4.00 -37.16 24.70
C VAL F 100 5.26 -37.93 24.49
N VAL F 101 5.37 -39.06 25.20
CA VAL F 101 6.52 -39.94 25.08
C VAL F 101 5.97 -41.34 24.85
N VAL F 102 6.19 -41.86 23.62
CA VAL F 102 5.73 -43.17 23.15
C VAL F 102 6.85 -44.20 23.35
N GLU F 103 6.67 -45.04 24.35
CA GLU F 103 7.68 -45.98 24.81
C GLU F 103 7.56 -47.46 24.51
CU CU G . 14.12 13.86 -27.39
CU CU H . -5.33 -23.59 23.99
#